data_6BD9
#
_entry.id   6BD9
#
_cell.length_a   96.024
_cell.length_b   110.967
_cell.length_c   180.244
_cell.angle_alpha   90.00
_cell.angle_beta   90.00
_cell.angle_gamma   90.00
#
_symmetry.space_group_name_H-M   'P 21 21 21'
#
loop_
_entity.id
_entity.type
_entity.pdbx_description
1 polymer 'Acetolactate synthase catalytic subunit, mitochondrial'
2 non-polymer 'POTASSIUM ION'
3 non-polymer 'MAGNESIUM ION'
4 non-polymer 'FLAVIN-ADENINE DINUCLEOTIDE'
5 non-polymer 'THIAMINE DIPHOSPHATE'
6 non-polymer 'PYRUVIC ACID'
7 non-polymer 'OXYGEN MOLECULE'
8 non-polymer 'PHOSPHATE ION'
9 water water
#
_entity_poly.entity_id   1
_entity_poly.type   'polypeptide(L)'
_entity_poly.pdbx_seq_one_letter_code
;MHHHHHHSSGLVPRGSGMKETAAAKFERQHMDSPDLGTDDDDKAMGSAPSFNVDPLEQPAEPSKLAKKLRAEPDMDTSFV
GLTGGQIFNEMMSRQNVDTVFGYPGGAILPVYDAIHNSDKFNFVLPKHEQGAGHMAEGYARASGKPGVVLVTSGPGATNV
VTPMADAFADGIPMVVFTGQVPTSAIGTDAFQEADVVGISRSCTKWNVMVKSVEELPLRINEAFEIATSGRPGPVLVDLP
KDVTAAILRNPIPTKTTLPSNALNQLTSRAQDEFVMQSINKAADLINLAKKPVLYVGAGILNHADGPRLLKELSDRAQIP
VTTTLQGLGSFDQEDPKSLDMLGMHGCATANLAVQNADLIIAVGARFDDRVTGNISKFAPEARRAAAEGRGGIIHFEVSP
KNINKVVQTQIAVEGDATTNLGKMMSKIFPVKERSEWFAQINKWKKEYPYAYMEETPGSKIKPQTVIKKLSKVANDTGRH
VIVTTGVGQHQMWAAQHWTWRNPHTFITSGGLGTMGYGLPAAIGAQVAKPESLVIDIDGDASFNMTLTELSSAVQAGTPV
KILILNNEEQGMVTQWQSLFYEHRYSHTHQLNPDFIKLAEAMGLKGLRVKKQEELDAKLKEFVSTKGPVLLEVEVDKKVP
VLPMVAGGSGLDEFINFDPEVERQQTELRHKRTGGKH
;
_entity_poly.pdbx_strand_id   A,B
#
loop_
_chem_comp.id
_chem_comp.type
_chem_comp.name
_chem_comp.formula
FAD non-polymer 'FLAVIN-ADENINE DINUCLEOTIDE' 'C27 H33 N9 O15 P2'
K non-polymer 'POTASSIUM ION' 'K 1'
MG non-polymer 'MAGNESIUM ION' 'Mg 2'
OXY non-polymer 'OXYGEN MOLECULE' O2
PO4 non-polymer 'PHOSPHATE ION' 'O4 P -3'
PYR non-polymer 'PYRUVIC ACID' 'C3 H4 O3'
TPP non-polymer 'THIAMINE DIPHOSPHATE' 'C12 H19 N4 O7 P2 S 1'
#
# COMPACT_ATOMS: atom_id res chain seq x y z
N PRO A 73 26.94 -33.69 -3.97
CA PRO A 73 27.54 -34.46 -5.07
C PRO A 73 26.50 -34.82 -6.13
N ASP A 74 25.24 -34.89 -5.70
CA ASP A 74 24.18 -35.45 -6.53
C ASP A 74 23.42 -34.39 -7.34
N MET A 75 23.54 -34.49 -8.67
CA MET A 75 23.08 -33.48 -9.63
C MET A 75 21.79 -33.86 -10.37
N ASP A 76 20.99 -32.84 -10.67
CA ASP A 76 19.65 -33.01 -11.20
C ASP A 76 19.59 -32.29 -12.55
N THR A 77 19.22 -33.00 -13.60
CA THR A 77 19.15 -32.40 -14.94
C THR A 77 17.71 -32.15 -15.33
N SER A 78 16.78 -32.44 -14.43
CA SER A 78 15.41 -32.45 -14.89
C SER A 78 14.83 -31.05 -15.24
N PHE A 79 15.45 -29.96 -14.75
CA PHE A 79 15.01 -28.63 -15.12
C PHE A 79 15.84 -28.03 -16.27
N VAL A 80 16.86 -28.73 -16.72
CA VAL A 80 17.71 -28.14 -17.74
C VAL A 80 16.89 -27.98 -19.06
N GLY A 81 16.86 -26.75 -19.59
CA GLY A 81 16.19 -26.41 -20.86
C GLY A 81 14.90 -25.67 -20.56
N LEU A 82 14.49 -25.65 -19.27
CA LEU A 82 13.32 -24.87 -18.87
C LEU A 82 13.67 -23.43 -18.55
N THR A 83 12.71 -22.51 -18.78
CA THR A 83 12.80 -21.15 -18.27
C THR A 83 12.54 -21.11 -16.78
N GLY A 84 12.89 -20.00 -16.13
CA GLY A 84 12.68 -19.85 -14.70
C GLY A 84 11.19 -19.84 -14.44
N GLY A 85 10.40 -19.33 -15.37
CA GLY A 85 8.95 -19.40 -15.22
C GLY A 85 8.38 -20.82 -15.09
N GLN A 86 8.79 -21.75 -15.98
CA GLN A 86 8.36 -23.14 -15.88
C GLN A 86 8.94 -23.81 -14.63
N ILE A 87 10.17 -23.50 -14.28
CA ILE A 87 10.75 -24.01 -13.04
C ILE A 87 9.93 -23.53 -11.84
N PHE A 88 9.56 -22.25 -11.85
CA PHE A 88 8.67 -21.73 -10.80
C PHE A 88 7.39 -22.57 -10.67
N ASN A 89 6.68 -22.79 -11.79
CA ASN A 89 5.48 -23.64 -11.78
C ASN A 89 5.73 -25.00 -11.14
N GLU A 90 6.81 -25.65 -11.58
CA GLU A 90 7.07 -26.98 -11.03
C GLU A 90 7.32 -26.95 -9.54
N MET A 91 8.00 -25.91 -9.07
CA MET A 91 8.26 -25.78 -7.62
C MET A 91 6.96 -25.49 -6.88
N MET A 92 6.08 -24.65 -7.45
CA MET A 92 4.75 -24.48 -6.84
C MET A 92 4.07 -25.84 -6.71
N SER A 93 4.09 -26.63 -7.78
N SER A 93 4.10 -26.63 -7.78
CA SER A 93 3.46 -27.95 -7.75
CA SER A 93 3.46 -27.95 -7.76
C SER A 93 4.02 -28.78 -6.59
C SER A 93 4.03 -28.84 -6.66
N ARG A 94 5.35 -28.81 -6.48
CA ARG A 94 5.97 -29.60 -5.42
C ARG A 94 5.61 -29.10 -4.04
N GLN A 95 5.34 -27.81 -3.92
CA GLN A 95 4.93 -27.24 -2.63
C GLN A 95 3.40 -27.36 -2.47
N ASN A 96 2.75 -28.14 -3.35
CA ASN A 96 1.27 -28.32 -3.28
C ASN A 96 0.47 -27.02 -3.35
N VAL A 97 0.99 -26.05 -4.11
CA VAL A 97 0.28 -24.80 -4.36
C VAL A 97 -0.64 -25.00 -5.57
N ASP A 98 -1.90 -24.64 -5.44
CA ASP A 98 -2.75 -24.58 -6.65
C ASP A 98 -3.48 -23.26 -6.77
N THR A 99 -3.13 -22.29 -5.92
CA THR A 99 -3.84 -21.03 -5.90
C THR A 99 -2.83 -19.94 -5.74
N VAL A 100 -2.90 -18.90 -6.58
CA VAL A 100 -1.99 -17.78 -6.45
C VAL A 100 -2.77 -16.47 -6.55
N PHE A 101 -2.41 -15.48 -5.72
CA PHE A 101 -3.10 -14.20 -5.67
C PHE A 101 -2.11 -13.19 -6.21
N GLY A 102 -2.49 -12.33 -7.13
CA GLY A 102 -1.48 -11.35 -7.51
C GLY A 102 -1.92 -10.46 -8.65
N TYR A 103 -0.99 -9.80 -9.31
CA TYR A 103 -1.40 -8.75 -10.25
C TYR A 103 -0.22 -8.56 -11.18
N PRO A 104 -0.44 -8.54 -12.51
CA PRO A 104 0.70 -8.55 -13.39
C PRO A 104 1.46 -7.22 -13.49
N GLY A 105 2.67 -7.29 -14.05
CA GLY A 105 3.39 -6.11 -14.53
C GLY A 105 4.65 -6.63 -15.23
N GLY A 106 5.37 -5.76 -15.90
CA GLY A 106 6.50 -6.14 -16.76
C GLY A 106 7.52 -7.01 -16.03
N ALA A 107 7.93 -6.63 -14.82
CA ALA A 107 9.08 -7.29 -14.23
C ALA A 107 8.77 -8.76 -13.85
N ILE A 108 7.51 -9.08 -13.58
CA ILE A 108 7.15 -10.40 -13.04
C ILE A 108 6.56 -11.25 -14.19
N LEU A 109 6.44 -10.62 -15.35
CA LEU A 109 5.81 -11.31 -16.49
C LEU A 109 6.28 -12.76 -16.80
N PRO A 110 7.60 -13.03 -16.77
CA PRO A 110 8.02 -14.41 -17.04
C PRO A 110 7.38 -15.42 -16.07
N VAL A 111 7.18 -15.05 -14.81
CA VAL A 111 6.50 -15.93 -13.88
C VAL A 111 5.00 -15.84 -14.01
N TYR A 112 4.48 -14.61 -14.12
CA TYR A 112 3.02 -14.44 -14.26
C TYR A 112 2.48 -15.20 -15.51
N ASP A 113 3.13 -15.05 -16.65
CA ASP A 113 2.71 -15.80 -17.86
C ASP A 113 2.64 -17.30 -17.62
N ALA A 114 3.65 -17.84 -16.95
CA ALA A 114 3.72 -19.30 -16.76
C ALA A 114 2.55 -19.73 -15.86
N ILE A 115 2.31 -18.95 -14.81
CA ILE A 115 1.24 -19.28 -13.85
C ILE A 115 -0.16 -19.04 -14.49
N HIS A 116 -0.30 -17.89 -15.16
CA HIS A 116 -1.57 -17.60 -15.87
C HIS A 116 -1.91 -18.69 -16.87
N ASN A 117 -0.95 -19.08 -17.68
CA ASN A 117 -1.11 -20.06 -18.74
C ASN A 117 -1.34 -21.50 -18.34
N SER A 118 -0.98 -21.89 -17.15
CA SER A 118 -1.17 -23.26 -16.73
C SER A 118 -2.51 -23.50 -16.07
N ASP A 119 -3.20 -24.53 -16.51
CA ASP A 119 -4.44 -24.88 -15.91
C ASP A 119 -4.28 -25.53 -14.52
N LYS A 120 -3.07 -25.68 -14.03
CA LYS A 120 -2.85 -26.27 -12.74
C LYS A 120 -2.99 -25.27 -11.60
N PHE A 121 -3.13 -24.01 -11.95
CA PHE A 121 -3.24 -22.99 -10.94
C PHE A 121 -4.41 -22.04 -11.11
N ASN A 122 -5.09 -21.79 -10.02
CA ASN A 122 -6.15 -20.79 -9.97
C ASN A 122 -5.51 -19.48 -9.63
N PHE A 123 -5.36 -18.61 -10.61
CA PHE A 123 -4.80 -17.27 -10.34
C PHE A 123 -5.96 -16.32 -10.03
N VAL A 124 -5.90 -15.67 -8.88
CA VAL A 124 -6.99 -14.80 -8.41
C VAL A 124 -6.57 -13.33 -8.53
N LEU A 125 -7.30 -12.58 -9.34
CA LEU A 125 -6.91 -11.19 -9.71
C LEU A 125 -7.76 -10.18 -8.89
N PRO A 126 -7.12 -9.37 -8.04
CA PRO A 126 -7.78 -8.31 -7.29
C PRO A 126 -7.78 -7.02 -8.14
N LYS A 127 -8.29 -5.93 -7.61
CA LYS A 127 -8.10 -4.65 -8.29
C LYS A 127 -6.81 -3.91 -7.77
N HIS A 128 -6.29 -4.35 -6.65
CA HIS A 128 -5.11 -3.68 -6.01
C HIS A 128 -4.29 -4.76 -5.38
N GLU A 129 -2.96 -4.63 -5.41
CA GLU A 129 -2.09 -5.67 -4.84
C GLU A 129 -2.30 -5.83 -3.33
N GLN A 130 -2.69 -4.75 -2.63
CA GLN A 130 -3.03 -4.90 -1.20
C GLN A 130 -4.12 -5.98 -1.09
N GLY A 131 -5.09 -5.94 -2.00
CA GLY A 131 -6.17 -6.92 -2.03
C GLY A 131 -5.62 -8.33 -2.20
N ALA A 132 -4.66 -8.52 -3.09
CA ALA A 132 -4.06 -9.84 -3.25
C ALA A 132 -3.45 -10.29 -1.93
N GLY A 133 -2.78 -9.37 -1.22
CA GLY A 133 -2.07 -9.81 -0.04
C GLY A 133 -3.08 -10.21 1.02
N HIS A 134 -4.13 -9.44 1.22
CA HIS A 134 -5.10 -9.83 2.26
C HIS A 134 -5.92 -11.04 1.83
N MET A 135 -6.20 -11.20 0.53
CA MET A 135 -6.80 -12.47 0.07
C MET A 135 -5.93 -13.68 0.44
N ALA A 136 -4.65 -13.55 0.22
CA ALA A 136 -3.71 -14.66 0.52
C ALA A 136 -3.74 -14.97 1.99
N GLU A 137 -3.86 -13.93 2.81
CA GLU A 137 -3.97 -14.16 4.27
C GLU A 137 -5.27 -14.87 4.63
N GLY A 138 -6.37 -14.43 4.05
CA GLY A 138 -7.63 -15.11 4.33
C GLY A 138 -7.57 -16.56 3.84
N TYR A 139 -6.95 -16.76 2.69
CA TYR A 139 -6.80 -18.13 2.15
C TYR A 139 -6.00 -19.02 3.13
N ALA A 140 -4.90 -18.47 3.66
CA ALA A 140 -4.02 -19.23 4.56
C ALA A 140 -4.72 -19.58 5.85
N ARG A 141 -5.43 -18.58 6.38
CA ARG A 141 -6.15 -18.77 7.65
C ARG A 141 -7.24 -19.80 7.48
N ALA A 142 -7.88 -19.78 6.33
CA ALA A 142 -8.98 -20.74 6.13
C ALA A 142 -8.52 -22.17 5.80
N SER A 143 -7.39 -22.31 5.05
CA SER A 143 -6.97 -23.63 4.54
C SER A 143 -5.83 -24.30 5.35
N GLY A 144 -5.05 -23.54 6.13
CA GLY A 144 -3.87 -24.13 6.79
C GLY A 144 -2.64 -24.10 5.86
N LYS A 145 -2.85 -23.62 4.62
CA LYS A 145 -1.81 -23.57 3.59
C LYS A 145 -1.16 -22.20 3.51
N PRO A 146 0.11 -22.13 3.05
CA PRO A 146 0.66 -20.77 2.81
C PRO A 146 -0.11 -20.00 1.71
N GLY A 147 -0.24 -18.68 1.88
CA GLY A 147 -0.85 -17.88 0.86
C GLY A 147 0.26 -17.36 -0.05
N VAL A 148 0.10 -17.56 -1.37
CA VAL A 148 1.18 -17.24 -2.31
C VAL A 148 0.77 -16.01 -3.10
N VAL A 149 1.68 -15.04 -3.17
CA VAL A 149 1.35 -13.72 -3.75
C VAL A 149 2.34 -13.45 -4.86
N LEU A 150 1.88 -12.90 -5.98
CA LEU A 150 2.78 -12.69 -7.09
C LEU A 150 2.56 -11.29 -7.63
N VAL A 151 3.52 -10.37 -7.49
CA VAL A 151 3.26 -8.99 -7.93
C VAL A 151 4.47 -8.44 -8.66
N THR A 152 4.33 -7.27 -9.30
CA THR A 152 5.44 -6.75 -10.09
C THR A 152 6.37 -5.87 -9.25
N SER A 153 7.38 -5.30 -9.91
CA SER A 153 8.37 -4.43 -9.25
C SER A 153 7.77 -3.10 -8.82
N GLY A 154 8.54 -2.32 -8.06
CA GLY A 154 8.15 -0.95 -7.79
C GLY A 154 6.84 -0.87 -6.98
N PRO A 155 5.82 -0.16 -7.53
CA PRO A 155 4.56 -0.02 -6.77
C PRO A 155 3.81 -1.36 -6.61
N GLY A 156 4.07 -2.38 -7.43
CA GLY A 156 3.42 -3.66 -7.17
C GLY A 156 3.90 -4.21 -5.82
N ALA A 157 5.20 -4.10 -5.61
CA ALA A 157 5.80 -4.60 -4.37
C ALA A 157 5.50 -3.69 -3.18
N THR A 158 5.58 -2.39 -3.37
CA THR A 158 5.34 -1.52 -2.19
C THR A 158 3.85 -1.62 -1.81
N ASN A 159 2.97 -1.94 -2.77
CA ASN A 159 1.56 -2.09 -2.39
C ASN A 159 1.27 -3.33 -1.54
N VAL A 160 2.21 -4.27 -1.41
CA VAL A 160 1.92 -5.43 -0.54
C VAL A 160 2.63 -5.32 0.81
N VAL A 161 3.19 -4.15 1.13
CA VAL A 161 3.83 -4.01 2.46
C VAL A 161 2.81 -4.13 3.60
N THR A 162 1.66 -3.45 3.49
CA THR A 162 0.68 -3.60 4.57
C THR A 162 0.25 -5.09 4.80
N PRO A 163 -0.09 -5.84 3.74
CA PRO A 163 -0.42 -7.24 4.06
C PRO A 163 0.77 -8.08 4.59
N MET A 164 2.01 -7.78 4.17
CA MET A 164 3.14 -8.49 4.82
C MET A 164 3.23 -8.14 6.30
N ALA A 165 3.13 -6.85 6.60
CA ALA A 165 3.21 -6.47 8.04
C ALA A 165 2.07 -7.10 8.84
N ASP A 166 0.90 -7.17 8.21
CA ASP A 166 -0.29 -7.79 8.84
C ASP A 166 -0.04 -9.31 9.10
N ALA A 167 0.48 -10.01 8.11
CA ALA A 167 0.78 -11.45 8.28
C ALA A 167 1.92 -11.68 9.27
N PHE A 168 2.88 -10.76 9.30
CA PHE A 168 4.00 -10.81 10.23
C PHE A 168 3.49 -10.68 11.65
N ALA A 169 2.58 -9.73 11.85
CA ALA A 169 2.08 -9.52 13.22
C ALA A 169 1.23 -10.71 13.68
N ASP A 170 0.42 -11.27 12.78
CA ASP A 170 -0.48 -12.37 13.17
C ASP A 170 0.06 -13.78 12.96
N GLY A 171 1.31 -13.90 12.51
CA GLY A 171 1.93 -15.23 12.34
C GLY A 171 1.24 -16.08 11.25
N ILE A 172 1.02 -15.48 10.10
CA ILE A 172 0.36 -16.11 8.98
C ILE A 172 1.34 -16.49 7.87
N PRO A 173 1.26 -17.80 7.43
CA PRO A 173 2.24 -18.15 6.40
C PRO A 173 1.90 -17.56 5.04
N MET A 174 2.84 -16.87 4.48
CA MET A 174 2.68 -16.20 3.21
C MET A 174 4.00 -16.13 2.47
N VAL A 175 3.99 -16.43 1.19
CA VAL A 175 5.18 -16.34 0.38
C VAL A 175 4.95 -15.31 -0.68
N VAL A 176 5.69 -14.23 -0.62
CA VAL A 176 5.56 -13.15 -1.54
C VAL A 176 6.65 -13.09 -2.62
N PHE A 177 6.26 -13.20 -3.87
CA PHE A 177 7.19 -13.13 -4.99
C PHE A 177 7.07 -11.78 -5.70
N THR A 178 8.14 -11.02 -5.78
CA THR A 178 8.06 -9.68 -6.37
C THR A 178 8.98 -9.66 -7.60
N GLY A 179 8.46 -9.23 -8.74
CA GLY A 179 9.27 -8.99 -9.94
C GLY A 179 10.26 -7.90 -9.63
N GLN A 180 11.46 -7.96 -10.22
CA GLN A 180 12.45 -6.95 -9.96
C GLN A 180 13.09 -6.60 -11.30
N VAL A 181 13.68 -5.41 -11.41
CA VAL A 181 14.45 -5.09 -12.62
C VAL A 181 15.61 -6.12 -12.78
N PRO A 182 16.19 -6.23 -13.99
CA PRO A 182 17.25 -7.19 -14.25
C PRO A 182 18.45 -7.03 -13.29
N THR A 183 19.20 -8.11 -13.03
CA THR A 183 20.30 -8.05 -12.07
C THR A 183 21.31 -6.95 -12.48
N SER A 184 21.46 -6.73 -13.78
CA SER A 184 22.39 -5.73 -14.27
C SER A 184 21.96 -4.30 -13.97
N ALA A 185 20.65 -4.10 -13.78
CA ALA A 185 20.12 -2.79 -13.51
C ALA A 185 20.13 -2.44 -12.02
N ILE A 186 20.29 -3.43 -11.13
CA ILE A 186 20.25 -3.15 -9.68
C ILE A 186 21.30 -2.09 -9.29
N GLY A 187 20.85 -1.09 -8.51
CA GLY A 187 21.68 0.04 -8.11
C GLY A 187 21.91 1.13 -9.16
N THR A 188 20.99 1.26 -10.11
CA THR A 188 21.16 2.26 -11.17
C THR A 188 19.98 3.22 -11.22
N ASP A 189 19.12 3.16 -10.19
CA ASP A 189 17.88 3.94 -10.17
C ASP A 189 17.00 3.65 -11.38
N ALA A 190 16.85 2.37 -11.69
CA ALA A 190 16.13 2.01 -12.89
C ALA A 190 14.67 2.26 -12.61
N PHE A 191 13.89 2.32 -13.69
CA PHE A 191 12.44 2.41 -13.56
C PHE A 191 11.89 1.26 -12.68
N GLN A 192 11.22 1.60 -11.57
CA GLN A 192 10.70 0.63 -10.58
C GLN A 192 11.74 -0.25 -9.88
N GLU A 193 13.01 0.13 -9.89
CA GLU A 193 13.95 -0.48 -8.94
C GLU A 193 13.57 0.03 -7.54
N ALA A 194 12.91 -0.79 -6.73
CA ALA A 194 12.78 -0.48 -5.30
C ALA A 194 13.67 -1.45 -4.54
N ASP A 195 14.18 -0.99 -3.40
CA ASP A 195 14.94 -1.86 -2.51
C ASP A 195 13.94 -2.65 -1.68
N VAL A 196 13.31 -3.60 -2.33
CA VAL A 196 12.22 -4.33 -1.73
C VAL A 196 12.71 -5.21 -0.58
N VAL A 197 13.93 -5.71 -0.68
CA VAL A 197 14.39 -6.57 0.42
C VAL A 197 14.68 -5.66 1.61
N GLY A 198 15.14 -4.42 1.36
CA GLY A 198 15.31 -3.44 2.48
C GLY A 198 13.98 -3.02 3.10
N ILE A 199 13.04 -2.63 2.24
CA ILE A 199 11.73 -2.21 2.69
C ILE A 199 11.06 -3.29 3.54
N SER A 200 11.10 -4.55 3.07
CA SER A 200 10.31 -5.60 3.73
C SER A 200 11.06 -6.34 4.82
N ARG A 201 12.30 -5.93 5.10
CA ARG A 201 13.13 -6.67 6.06
C ARG A 201 12.45 -6.82 7.42
N SER A 202 11.80 -5.75 7.89
CA SER A 202 11.27 -5.79 9.24
C SER A 202 9.87 -6.37 9.29
N CYS A 203 9.26 -6.64 8.14
CA CYS A 203 7.95 -7.22 8.16
C CYS A 203 7.93 -8.57 7.47
N THR A 204 9.09 -9.24 7.41
CA THR A 204 9.14 -10.61 6.94
C THR A 204 10.00 -11.46 7.89
N LYS A 205 9.80 -12.78 7.93
CA LYS A 205 10.71 -13.62 8.70
C LYS A 205 12.04 -13.68 8.03
N TRP A 206 12.05 -13.54 6.71
CA TRP A 206 13.28 -13.74 5.92
C TRP A 206 12.99 -13.22 4.53
N ASN A 207 13.99 -12.71 3.81
CA ASN A 207 13.70 -12.39 2.42
C ASN A 207 14.99 -12.54 1.67
N VAL A 208 14.94 -12.54 0.34
CA VAL A 208 16.15 -12.77 -0.44
C VAL A 208 15.91 -12.24 -1.82
N MET A 209 16.97 -11.84 -2.51
CA MET A 209 16.86 -11.59 -3.94
C MET A 209 17.53 -12.74 -4.70
N VAL A 210 16.83 -13.38 -5.62
CA VAL A 210 17.41 -14.51 -6.36
C VAL A 210 18.36 -14.00 -7.45
N LYS A 211 19.57 -14.55 -7.56
CA LYS A 211 20.56 -13.93 -8.43
C LYS A 211 20.82 -14.71 -9.69
N SER A 212 20.40 -15.98 -9.73
CA SER A 212 20.59 -16.77 -10.96
C SER A 212 19.50 -17.82 -11.00
N VAL A 213 19.19 -18.30 -12.19
CA VAL A 213 18.11 -19.26 -12.35
C VAL A 213 18.51 -20.58 -11.65
N GLU A 214 19.79 -20.88 -11.57
CA GLU A 214 20.32 -22.07 -10.84
C GLU A 214 19.85 -22.12 -9.38
N GLU A 215 19.64 -20.93 -8.82
CA GLU A 215 19.35 -20.70 -7.38
C GLU A 215 17.83 -20.67 -7.14
N LEU A 216 17.03 -20.64 -8.21
CA LEU A 216 15.59 -20.43 -8.01
C LEU A 216 14.91 -21.56 -7.22
N PRO A 217 15.18 -22.82 -7.49
CA PRO A 217 14.57 -23.87 -6.69
C PRO A 217 14.95 -23.78 -5.21
N LEU A 218 16.22 -23.58 -4.93
CA LEU A 218 16.75 -23.44 -3.59
C LEU A 218 15.99 -22.39 -2.79
N ARG A 219 15.94 -21.20 -3.34
CA ARG A 219 15.27 -20.09 -2.68
C ARG A 219 13.79 -20.30 -2.47
N ILE A 220 13.13 -20.87 -3.45
CA ILE A 220 11.72 -21.14 -3.31
C ILE A 220 11.51 -22.11 -2.16
N ASN A 221 12.22 -23.21 -2.16
CA ASN A 221 12.05 -24.19 -1.10
C ASN A 221 12.39 -23.61 0.27
N GLU A 222 13.46 -22.83 0.31
CA GLU A 222 13.84 -22.11 1.54
C GLU A 222 12.71 -21.21 2.05
N ALA A 223 12.13 -20.44 1.13
CA ALA A 223 11.02 -19.54 1.45
C ALA A 223 9.82 -20.29 2.05
N PHE A 224 9.36 -21.38 1.41
CA PHE A 224 8.18 -22.08 1.96
C PHE A 224 8.49 -22.70 3.29
N GLU A 225 9.69 -23.25 3.43
CA GLU A 225 10.07 -23.86 4.71
C GLU A 225 10.03 -22.84 5.83
N ILE A 226 10.63 -21.70 5.59
CA ILE A 226 10.63 -20.65 6.64
C ILE A 226 9.22 -20.10 6.93
N ALA A 227 8.43 -19.83 5.90
CA ALA A 227 7.07 -19.29 6.08
C ALA A 227 6.21 -20.21 6.92
N THR A 228 6.44 -21.50 6.85
CA THR A 228 5.53 -22.46 7.46
C THR A 228 6.09 -23.19 8.65
N SER A 229 7.26 -22.78 9.13
CA SER A 229 7.78 -23.45 10.30
C SER A 229 7.94 -22.46 11.46
N GLY A 230 8.32 -22.95 12.64
CA GLY A 230 8.35 -22.12 13.85
C GLY A 230 6.98 -21.45 14.02
N ARG A 231 6.99 -20.18 14.37
CA ARG A 231 5.80 -19.37 14.21
C ARG A 231 5.68 -18.97 12.75
N PRO A 232 4.57 -19.35 12.05
CA PRO A 232 4.48 -19.12 10.61
C PRO A 232 4.56 -17.62 10.35
N GLY A 233 4.91 -17.22 9.14
CA GLY A 233 4.90 -15.80 8.86
C GLY A 233 5.19 -15.56 7.39
N PRO A 234 5.25 -14.29 6.96
CA PRO A 234 5.53 -13.96 5.56
C PRO A 234 7.02 -13.95 5.25
N VAL A 235 7.35 -14.34 4.02
CA VAL A 235 8.70 -14.26 3.50
C VAL A 235 8.58 -13.60 2.14
N LEU A 236 9.65 -12.99 1.66
CA LEU A 236 9.59 -12.33 0.35
C LEU A 236 10.78 -12.80 -0.46
N VAL A 237 10.51 -13.10 -1.72
CA VAL A 237 11.56 -13.55 -2.64
C VAL A 237 11.52 -12.63 -3.85
N ASP A 238 12.60 -11.87 -4.04
CA ASP A 238 12.68 -10.85 -5.09
C ASP A 238 13.22 -11.52 -6.36
N LEU A 239 12.55 -11.33 -7.50
CA LEU A 239 12.84 -12.06 -8.71
C LEU A 239 13.20 -11.15 -9.88
N PRO A 240 14.51 -10.90 -10.08
CA PRO A 240 14.92 -10.12 -11.26
C PRO A 240 14.41 -10.73 -12.55
N LYS A 241 13.97 -9.87 -13.46
CA LYS A 241 13.30 -10.36 -14.67
C LYS A 241 14.26 -11.21 -15.54
N ASP A 242 15.58 -10.96 -15.47
CA ASP A 242 16.51 -11.71 -16.34
C ASP A 242 16.70 -13.12 -15.80
N VAL A 243 16.51 -13.27 -14.50
CA VAL A 243 16.62 -14.58 -13.84
C VAL A 243 15.40 -15.43 -14.17
N THR A 244 14.19 -14.88 -14.07
CA THR A 244 13.00 -15.73 -14.33
C THR A 244 12.78 -15.99 -15.83
N ALA A 245 13.31 -15.13 -16.71
CA ALA A 245 13.20 -15.32 -18.15
C ALA A 245 14.26 -16.27 -18.63
N ALA A 246 15.30 -16.49 -17.84
CA ALA A 246 16.45 -17.28 -18.34
C ALA A 246 16.08 -18.74 -18.49
N ILE A 247 16.78 -19.45 -19.37
CA ILE A 247 16.69 -20.90 -19.52
C ILE A 247 17.83 -21.51 -18.71
N LEU A 248 17.50 -22.53 -17.91
CA LEU A 248 18.52 -23.18 -17.11
C LEU A 248 19.41 -24.05 -18.00
N ARG A 249 20.72 -23.80 -17.95
CA ARG A 249 21.67 -24.51 -18.82
C ARG A 249 22.53 -25.54 -18.11
N ASN A 250 22.51 -25.54 -16.79
CA ASN A 250 23.41 -26.39 -16.02
C ASN A 250 22.65 -27.24 -15.05
N PRO A 251 23.10 -28.48 -14.83
CA PRO A 251 22.57 -29.29 -13.74
C PRO A 251 22.74 -28.57 -12.43
N ILE A 252 21.84 -28.79 -11.48
CA ILE A 252 21.90 -28.17 -10.18
C ILE A 252 21.81 -29.31 -9.14
N PRO A 253 22.27 -29.06 -7.91
CA PRO A 253 22.30 -30.14 -6.92
C PRO A 253 20.90 -30.58 -6.56
N THR A 254 20.70 -31.89 -6.53
CA THR A 254 19.34 -32.44 -6.36
C THR A 254 18.63 -31.96 -5.09
N LYS A 255 19.39 -31.77 -4.03
CA LYS A 255 18.83 -31.37 -2.73
C LYS A 255 18.03 -30.07 -2.86
N THR A 256 18.65 -29.10 -3.53
CA THR A 256 18.09 -27.77 -3.76
C THR A 256 16.72 -27.83 -4.44
N THR A 257 16.37 -28.96 -5.06
CA THR A 257 15.10 -29.01 -5.76
C THR A 257 13.96 -29.64 -4.91
N LEU A 258 14.33 -30.13 -3.74
CA LEU A 258 13.39 -30.94 -2.97
C LEU A 258 12.91 -30.27 -1.70
N PRO A 259 11.57 -29.98 -1.66
CA PRO A 259 10.87 -29.28 -0.56
C PRO A 259 11.48 -29.76 0.74
N SER A 260 11.86 -28.80 1.59
CA SER A 260 12.73 -29.06 2.72
C SER A 260 11.93 -29.05 4.03
N ASN A 261 12.19 -30.00 4.96
CA ASN A 261 13.28 -31.02 4.97
C ASN A 261 14.70 -30.50 4.74
N ALA A 270 20.22 -33.84 23.44
CA ALA A 270 20.04 -33.22 24.76
C ALA A 270 18.84 -32.30 24.83
N GLN A 271 18.63 -31.51 23.77
CA GLN A 271 17.45 -30.66 23.72
C GLN A 271 16.19 -31.54 23.70
N ASP A 272 16.23 -32.61 22.89
CA ASP A 272 15.17 -33.62 22.82
C ASP A 272 14.74 -34.11 24.20
N GLU A 273 15.66 -34.69 24.96
CA GLU A 273 15.19 -35.24 26.20
C GLU A 273 14.95 -34.13 27.22
N PHE A 274 15.44 -32.90 26.98
CA PHE A 274 14.95 -31.84 27.84
C PHE A 274 13.44 -31.67 27.52
N VAL A 275 13.10 -31.77 26.25
CA VAL A 275 11.70 -31.61 25.81
C VAL A 275 10.86 -32.80 26.30
N MET A 276 11.42 -34.02 26.22
CA MET A 276 10.66 -35.14 26.74
C MET A 276 10.52 -35.02 28.27
N GLN A 277 11.57 -34.58 28.97
CA GLN A 277 11.47 -34.34 30.40
C GLN A 277 10.38 -33.30 30.70
N SER A 278 10.33 -32.23 29.93
N SER A 278 10.34 -32.25 29.89
CA SER A 278 9.32 -31.22 30.20
CA SER A 278 9.34 -31.18 30.07
C SER A 278 7.91 -31.74 29.88
C SER A 278 7.93 -31.71 29.86
N ILE A 279 7.76 -32.58 28.88
CA ILE A 279 6.44 -33.20 28.62
C ILE A 279 6.01 -34.06 29.83
N ASN A 280 6.94 -34.86 30.35
CA ASN A 280 6.65 -35.67 31.53
C ASN A 280 6.28 -34.80 32.73
N LYS A 281 7.01 -33.69 32.92
CA LYS A 281 6.71 -32.83 34.06
C LYS A 281 5.39 -32.11 33.90
N ALA A 282 5.07 -31.73 32.66
CA ALA A 282 3.77 -31.11 32.37
C ALA A 282 2.65 -32.06 32.68
N ALA A 283 2.78 -33.31 32.25
CA ALA A 283 1.77 -34.34 32.56
C ALA A 283 1.62 -34.50 34.08
N ASP A 284 2.74 -34.59 34.81
CA ASP A 284 2.66 -34.69 36.29
C ASP A 284 1.86 -33.53 36.90
N LEU A 285 2.17 -32.35 36.43
CA LEU A 285 1.56 -31.16 37.01
C LEU A 285 0.05 -31.14 36.65
N ILE A 286 -0.29 -31.49 35.42
CA ILE A 286 -1.72 -31.59 35.04
C ILE A 286 -2.42 -32.66 35.86
N ASN A 287 -1.77 -33.80 36.07
CA ASN A 287 -2.38 -34.91 36.81
C ASN A 287 -2.61 -34.52 38.28
N LEU A 288 -1.78 -33.61 38.77
CA LEU A 288 -1.86 -33.15 40.17
C LEU A 288 -3.02 -32.12 40.39
N ALA A 289 -3.27 -31.31 39.35
CA ALA A 289 -4.17 -30.14 39.45
C ALA A 289 -5.61 -30.50 39.84
N LYS A 290 -6.21 -29.71 40.72
CA LYS A 290 -7.63 -29.87 41.05
C LYS A 290 -8.53 -28.93 40.21
N LYS A 291 -7.96 -27.78 39.84
CA LYS A 291 -8.69 -26.70 39.11
C LYS A 291 -7.90 -26.17 37.94
N PRO A 292 -7.60 -27.04 36.99
CA PRO A 292 -6.79 -26.60 35.85
C PRO A 292 -7.65 -25.76 34.88
N VAL A 293 -6.98 -24.93 34.09
CA VAL A 293 -7.62 -24.27 32.95
C VAL A 293 -6.70 -24.35 31.74
N LEU A 294 -7.24 -24.70 30.54
CA LEU A 294 -6.51 -24.63 29.29
C LEU A 294 -6.70 -23.25 28.69
N TYR A 295 -5.59 -22.58 28.40
CA TYR A 295 -5.63 -21.24 27.85
C TYR A 295 -4.98 -21.33 26.46
N VAL A 296 -5.83 -21.20 25.42
CA VAL A 296 -5.45 -21.63 24.09
C VAL A 296 -5.50 -20.46 23.11
N GLY A 297 -4.47 -20.32 22.28
CA GLY A 297 -4.37 -19.19 21.36
C GLY A 297 -4.12 -19.65 19.94
N ALA A 298 -3.68 -18.74 19.08
CA ALA A 298 -3.52 -19.09 17.66
C ALA A 298 -2.65 -20.33 17.35
N GLY A 299 -1.68 -20.64 18.22
CA GLY A 299 -0.72 -21.66 17.85
C GLY A 299 -1.38 -23.02 17.72
N ILE A 300 -2.52 -23.23 18.37
CA ILE A 300 -3.13 -24.56 18.24
C ILE A 300 -3.65 -24.78 16.80
N LEU A 301 -3.80 -23.68 16.03
CA LEU A 301 -4.42 -23.77 14.71
C LEU A 301 -3.38 -24.05 13.65
N ASN A 302 -2.11 -24.07 14.05
CA ASN A 302 -1.01 -24.24 13.11
C ASN A 302 -0.63 -25.68 12.82
N HIS A 303 -1.46 -26.62 13.27
CA HIS A 303 -1.33 -28.03 12.88
C HIS A 303 -2.74 -28.51 12.65
N ALA A 304 -2.93 -29.35 11.65
CA ALA A 304 -4.23 -29.90 11.29
C ALA A 304 -4.92 -30.60 12.47
N ASP A 305 -4.14 -31.30 13.30
CA ASP A 305 -4.69 -32.08 14.43
C ASP A 305 -4.79 -31.33 15.77
N GLY A 306 -4.50 -30.04 15.80
CA GLY A 306 -4.45 -29.30 17.07
C GLY A 306 -5.79 -29.29 17.80
N PRO A 307 -6.84 -28.79 17.14
CA PRO A 307 -8.17 -28.78 17.76
C PRO A 307 -8.61 -30.16 18.21
N ARG A 308 -8.35 -31.20 17.41
CA ARG A 308 -8.75 -32.55 17.86
C ARG A 308 -7.99 -33.00 19.15
N LEU A 309 -6.68 -32.75 19.21
CA LEU A 309 -5.96 -33.17 20.42
C LEU A 309 -6.29 -32.28 21.59
N LEU A 310 -6.59 -31.01 21.32
CA LEU A 310 -7.09 -30.12 22.39
C LEU A 310 -8.36 -30.66 22.98
N LYS A 311 -9.27 -31.07 22.12
CA LYS A 311 -10.53 -31.61 22.62
C LYS A 311 -10.31 -32.93 23.36
N GLU A 312 -9.42 -33.76 22.83
CA GLU A 312 -9.11 -35.03 23.49
C GLU A 312 -8.54 -34.78 24.91
N LEU A 313 -7.60 -33.86 25.03
CA LEU A 313 -7.02 -33.56 26.34
C LEU A 313 -8.10 -33.00 27.29
N SER A 314 -8.91 -32.06 26.79
CA SER A 314 -9.97 -31.45 27.63
C SER A 314 -10.97 -32.50 28.15
N ASP A 315 -11.39 -33.41 27.27
CA ASP A 315 -12.25 -34.54 27.71
C ASP A 315 -11.54 -35.51 28.66
N ARG A 316 -10.32 -35.88 28.31
CA ARG A 316 -9.60 -36.91 29.08
C ARG A 316 -9.41 -36.44 30.52
N ALA A 317 -9.02 -35.19 30.68
CA ALA A 317 -8.69 -34.71 32.01
C ALA A 317 -9.75 -33.74 32.58
N GLN A 318 -10.88 -33.63 31.86
CA GLN A 318 -12.01 -32.78 32.28
C GLN A 318 -11.52 -31.37 32.62
N ILE A 319 -10.92 -30.72 31.63
CA ILE A 319 -10.31 -29.40 31.81
C ILE A 319 -11.12 -28.35 31.00
N PRO A 320 -11.61 -27.28 31.67
CA PRO A 320 -12.30 -26.21 30.92
C PRO A 320 -11.34 -25.47 30.03
N VAL A 321 -11.87 -24.96 28.91
CA VAL A 321 -11.02 -24.36 27.90
C VAL A 321 -11.45 -22.93 27.56
N THR A 322 -10.53 -21.99 27.71
CA THR A 322 -10.79 -20.61 27.28
C THR A 322 -9.82 -20.32 26.15
N THR A 323 -10.23 -19.52 25.17
CA THR A 323 -9.32 -19.14 24.08
C THR A 323 -9.06 -17.64 24.05
N THR A 324 -7.92 -17.25 23.48
CA THR A 324 -7.71 -15.88 23.06
C THR A 324 -8.64 -15.51 21.89
N LEU A 325 -8.62 -14.24 21.52
CA LEU A 325 -9.32 -13.85 20.27
C LEU A 325 -8.89 -14.67 19.03
N GLN A 326 -7.59 -14.89 18.88
CA GLN A 326 -7.12 -15.62 17.67
C GLN A 326 -7.24 -17.13 17.83
N GLY A 327 -7.61 -17.59 19.03
CA GLY A 327 -7.88 -19.02 19.18
C GLY A 327 -9.36 -19.37 19.02
N LEU A 328 -10.22 -18.36 18.81
CA LEU A 328 -11.68 -18.63 18.73
C LEU A 328 -11.94 -19.62 17.61
N GLY A 329 -12.80 -20.58 17.87
CA GLY A 329 -13.06 -21.64 16.90
C GLY A 329 -12.25 -22.89 17.15
N SER A 330 -11.13 -22.77 17.87
CA SER A 330 -10.29 -23.96 18.11
C SER A 330 -10.99 -24.95 19.07
N PHE A 331 -11.99 -24.44 19.78
CA PHE A 331 -12.77 -25.22 20.74
C PHE A 331 -14.24 -24.82 20.55
N ASP A 332 -15.11 -25.82 20.52
CA ASP A 332 -16.54 -25.63 20.32
C ASP A 332 -17.16 -24.93 21.52
N GLN A 333 -17.70 -23.72 21.32
CA GLN A 333 -18.21 -22.95 22.43
C GLN A 333 -19.53 -23.51 22.93
N GLU A 334 -20.08 -24.49 22.23
CA GLU A 334 -21.29 -25.15 22.74
C GLU A 334 -20.93 -26.32 23.68
N ASP A 335 -19.67 -26.65 23.74
CA ASP A 335 -19.23 -27.75 24.63
C ASP A 335 -19.43 -27.30 26.07
N PRO A 336 -19.90 -28.18 26.97
CA PRO A 336 -20.10 -27.77 28.37
C PRO A 336 -18.82 -27.29 29.05
N LYS A 337 -17.66 -27.61 28.49
CA LYS A 337 -16.39 -27.24 29.12
C LYS A 337 -15.85 -25.93 28.61
N SER A 338 -16.61 -25.28 27.72
CA SER A 338 -16.06 -24.06 27.09
C SER A 338 -16.23 -22.89 28.04
N LEU A 339 -15.16 -22.11 28.22
CA LEU A 339 -15.23 -20.86 28.98
C LEU A 339 -15.41 -19.64 28.07
N ASP A 340 -15.27 -19.87 26.77
CA ASP A 340 -15.32 -18.82 25.74
C ASP A 340 -14.06 -17.94 25.87
N MET A 341 -14.16 -16.67 25.48
CA MET A 341 -12.94 -15.88 25.35
C MET A 341 -12.47 -15.23 26.63
N LEU A 342 -11.16 -15.22 26.81
CA LEU A 342 -10.52 -14.67 27.98
C LEU A 342 -10.11 -13.22 27.65
N GLY A 343 -9.96 -12.36 28.66
CA GLY A 343 -9.29 -11.08 28.47
C GLY A 343 -10.12 -9.85 28.82
N MET A 344 -9.55 -8.67 28.65
CA MET A 344 -10.26 -7.39 28.83
C MET A 344 -11.69 -7.34 28.29
N HIS A 345 -11.89 -7.90 27.10
CA HIS A 345 -13.21 -7.95 26.50
C HIS A 345 -13.78 -9.33 26.48
N GLY A 346 -13.20 -10.22 27.28
CA GLY A 346 -13.68 -11.59 27.34
C GLY A 346 -14.84 -11.80 28.31
N CYS A 347 -15.26 -13.07 28.41
CA CYS A 347 -16.29 -13.58 29.32
C CYS A 347 -15.81 -13.40 30.78
N ALA A 348 -16.61 -12.86 31.69
CA ALA A 348 -16.19 -12.82 33.09
C ALA A 348 -15.85 -14.23 33.60
N THR A 349 -16.65 -15.22 33.24
CA THR A 349 -16.41 -16.58 33.71
C THR A 349 -15.00 -17.09 33.32
N ALA A 350 -14.59 -16.83 32.06
CA ALA A 350 -13.26 -17.22 31.59
C ALA A 350 -12.23 -16.56 32.49
N ASN A 351 -12.44 -15.27 32.78
CA ASN A 351 -11.45 -14.54 33.59
C ASN A 351 -11.39 -15.01 35.04
N LEU A 352 -12.55 -15.32 35.59
CA LEU A 352 -12.60 -15.81 36.98
C LEU A 352 -12.00 -17.22 37.11
N ALA A 353 -12.18 -18.06 36.09
CA ALA A 353 -11.63 -19.42 36.13
C ALA A 353 -10.10 -19.33 36.12
N VAL A 354 -9.59 -18.47 35.25
CA VAL A 354 -8.15 -18.25 35.18
C VAL A 354 -7.59 -17.63 36.44
N GLN A 355 -8.30 -16.70 37.05
CA GLN A 355 -7.85 -16.12 38.31
C GLN A 355 -7.89 -17.13 39.45
N ASN A 356 -8.74 -18.16 39.33
CA ASN A 356 -8.91 -19.09 40.43
C ASN A 356 -8.25 -20.48 40.20
N ALA A 357 -7.71 -20.71 39.00
CA ALA A 357 -7.11 -22.01 38.65
C ALA A 357 -5.86 -22.27 39.50
N ASP A 358 -5.62 -23.52 39.91
CA ASP A 358 -4.31 -23.85 40.52
C ASP A 358 -3.29 -24.14 39.39
N LEU A 359 -3.76 -24.27 38.14
CA LEU A 359 -2.86 -24.57 37.04
C LEU A 359 -3.40 -24.01 35.74
N ILE A 360 -2.56 -23.20 35.13
CA ILE A 360 -2.83 -22.68 33.78
C ILE A 360 -2.00 -23.45 32.74
N ILE A 361 -2.66 -24.02 31.73
CA ILE A 361 -1.95 -24.75 30.71
C ILE A 361 -2.06 -23.92 29.43
N ALA A 362 -0.98 -23.21 29.09
CA ALA A 362 -1.05 -22.26 27.98
C ALA A 362 -0.57 -22.95 26.72
N VAL A 363 -1.41 -22.91 25.68
CA VAL A 363 -1.16 -23.68 24.49
C VAL A 363 -1.20 -22.73 23.27
N GLY A 364 -0.05 -22.41 22.69
CA GLY A 364 -0.03 -21.58 21.48
C GLY A 364 -0.60 -20.18 21.75
N ALA A 365 -0.24 -19.55 22.87
CA ALA A 365 -0.84 -18.22 23.24
C ALA A 365 0.23 -17.35 23.83
N ARG A 366 0.19 -16.05 23.60
CA ARG A 366 1.40 -15.34 23.99
C ARG A 366 1.31 -14.47 25.25
N PHE A 367 0.22 -14.58 26.00
CA PHE A 367 0.07 -13.80 27.26
C PHE A 367 0.06 -12.29 26.96
N ASP A 368 -0.75 -11.92 25.99
CA ASP A 368 -0.89 -10.51 25.62
C ASP A 368 -1.51 -9.73 26.80
N ASP A 369 -1.18 -8.44 26.93
CA ASP A 369 -1.64 -7.73 28.13
C ASP A 369 -3.12 -7.42 28.05
N ARG A 370 -3.71 -7.54 26.86
CA ARG A 370 -5.15 -7.43 26.73
C ARG A 370 -5.80 -8.72 27.23
N VAL A 371 -5.02 -9.79 27.34
CA VAL A 371 -5.58 -11.01 27.88
C VAL A 371 -5.32 -11.07 29.38
N THR A 372 -4.09 -10.75 29.80
CA THR A 372 -3.72 -10.86 31.19
C THR A 372 -4.13 -9.70 32.10
N GLY A 373 -4.28 -8.50 31.53
CA GLY A 373 -4.28 -7.31 32.34
C GLY A 373 -2.97 -7.17 33.07
N ASN A 374 -2.94 -6.37 34.13
CA ASN A 374 -1.75 -6.16 34.95
C ASN A 374 -1.09 -7.49 35.29
N ILE A 375 0.09 -7.75 34.72
CA ILE A 375 0.66 -9.07 34.80
C ILE A 375 0.98 -9.51 36.24
N SER A 376 1.31 -8.56 37.12
CA SER A 376 1.58 -8.93 38.52
C SER A 376 0.33 -9.42 39.24
N LYS A 377 -0.85 -9.05 38.73
CA LYS A 377 -2.13 -9.43 39.33
C LYS A 377 -2.79 -10.67 38.65
N PHE A 378 -2.09 -11.21 37.64
CA PHE A 378 -2.60 -12.28 36.79
C PHE A 378 -2.49 -13.68 37.41
N ALA A 379 -3.56 -14.46 37.38
CA ALA A 379 -3.53 -15.85 37.88
C ALA A 379 -2.96 -15.99 39.29
N PRO A 380 -3.54 -15.28 40.30
CA PRO A 380 -2.94 -15.38 41.63
C PRO A 380 -3.02 -16.77 42.23
N GLU A 381 -4.03 -17.54 41.88
CA GLU A 381 -4.12 -18.86 42.53
C GLU A 381 -3.09 -19.84 41.90
N ALA A 382 -2.74 -19.59 40.67
CA ALA A 382 -1.75 -20.38 40.00
C ALA A 382 -0.40 -19.99 40.57
N ARG A 383 -0.19 -18.72 40.82
CA ARG A 383 1.06 -18.28 41.41
C ARG A 383 1.18 -18.85 42.82
N ARG A 384 0.09 -18.86 43.55
CA ARG A 384 0.16 -19.46 44.90
C ARG A 384 0.44 -20.95 44.83
N ALA A 385 -0.20 -21.65 43.89
CA ALA A 385 0.09 -23.08 43.73
C ALA A 385 1.58 -23.31 43.39
N ALA A 386 2.14 -22.51 42.50
CA ALA A 386 3.56 -22.62 42.18
C ALA A 386 4.40 -22.43 43.43
N ALA A 387 4.10 -21.38 44.20
CA ALA A 387 4.84 -21.11 45.43
C ALA A 387 4.74 -22.28 46.37
N GLU A 388 3.65 -23.03 46.31
CA GLU A 388 3.48 -24.17 47.21
C GLU A 388 3.87 -25.50 46.56
N GLY A 389 4.41 -25.47 45.36
CA GLY A 389 4.91 -26.71 44.78
C GLY A 389 3.85 -27.60 44.16
N ARG A 390 2.70 -27.04 43.77
CA ARG A 390 1.57 -27.92 43.40
C ARG A 390 0.78 -27.41 42.19
N GLY A 391 1.33 -26.45 41.44
CA GLY A 391 0.65 -25.94 40.26
C GLY A 391 1.49 -24.84 39.60
N GLY A 392 0.82 -23.89 38.95
CA GLY A 392 1.54 -22.79 38.33
C GLY A 392 1.12 -22.67 36.89
N ILE A 393 2.10 -22.50 36.02
CA ILE A 393 1.83 -22.23 34.61
C ILE A 393 2.71 -23.11 33.73
N ILE A 394 2.07 -23.82 32.79
CA ILE A 394 2.77 -24.62 31.79
C ILE A 394 2.60 -23.87 30.47
N HIS A 395 3.65 -23.81 29.67
CA HIS A 395 3.57 -23.07 28.40
C HIS A 395 4.09 -23.92 27.23
N PHE A 396 3.18 -24.32 26.33
CA PHE A 396 3.54 -25.00 25.09
C PHE A 396 3.78 -23.94 24.02
N GLU A 397 5.04 -23.71 23.66
CA GLU A 397 5.37 -22.52 22.87
C GLU A 397 6.43 -22.93 21.86
N VAL A 398 6.25 -22.53 20.63
CA VAL A 398 7.20 -22.93 19.57
C VAL A 398 8.43 -22.00 19.48
N SER A 399 8.35 -20.73 19.90
CA SER A 399 9.55 -19.88 19.87
C SER A 399 10.19 -19.71 21.23
N PRO A 400 11.43 -20.19 21.41
CA PRO A 400 12.25 -20.01 22.63
C PRO A 400 12.17 -18.56 23.12
N LYS A 401 12.26 -17.60 22.21
CA LYS A 401 12.20 -16.18 22.55
C LYS A 401 10.94 -15.78 23.33
N ASN A 402 9.83 -16.48 23.09
CA ASN A 402 8.57 -16.14 23.73
C ASN A 402 8.38 -16.87 25.07
N ILE A 403 9.36 -17.67 25.46
CA ILE A 403 9.22 -18.46 26.69
C ILE A 403 9.78 -17.64 27.85
N ASN A 404 8.98 -17.48 28.91
CA ASN A 404 9.39 -16.71 30.08
C ASN A 404 9.68 -15.29 29.70
N LYS A 405 9.03 -14.78 28.67
CA LYS A 405 9.25 -13.40 28.26
C LYS A 405 8.32 -12.51 29.07
N VAL A 406 7.05 -12.89 29.16
CA VAL A 406 6.04 -12.12 29.91
C VAL A 406 5.83 -12.66 31.32
N VAL A 407 5.47 -13.94 31.45
CA VAL A 407 5.25 -14.56 32.75
C VAL A 407 6.30 -15.64 33.01
N GLN A 408 6.72 -15.75 34.26
CA GLN A 408 7.58 -16.86 34.63
C GLN A 408 6.73 -18.14 34.67
N THR A 409 7.17 -19.18 33.96
CA THR A 409 6.41 -20.44 33.87
C THR A 409 7.08 -21.50 34.69
N GLN A 410 6.32 -22.48 35.17
CA GLN A 410 6.92 -23.55 35.93
C GLN A 410 7.52 -24.59 34.98
N ILE A 411 6.87 -24.78 33.85
CA ILE A 411 7.32 -25.76 32.87
C ILE A 411 7.09 -25.18 31.49
N ALA A 412 8.13 -25.16 30.64
CA ALA A 412 7.92 -24.74 29.27
C ALA A 412 8.15 -25.96 28.38
N VAL A 413 7.21 -26.22 27.49
CA VAL A 413 7.32 -27.32 26.54
C VAL A 413 7.55 -26.72 25.16
N GLU A 414 8.80 -26.81 24.72
CA GLU A 414 9.25 -26.06 23.57
C GLU A 414 8.90 -26.84 22.31
N GLY A 415 8.35 -26.15 21.32
CA GLY A 415 8.16 -26.83 20.06
C GLY A 415 6.72 -26.73 19.60
N ASP A 416 6.35 -27.51 18.58
CA ASP A 416 4.99 -27.41 18.06
C ASP A 416 4.04 -27.97 19.13
N ALA A 417 3.00 -27.20 19.45
CA ALA A 417 2.09 -27.59 20.56
C ALA A 417 1.28 -28.85 20.24
N THR A 418 0.78 -28.95 19.01
CA THR A 418 -0.01 -30.13 18.62
C THR A 418 0.84 -31.37 18.79
N THR A 419 2.03 -31.33 18.21
CA THR A 419 2.97 -32.44 18.35
C THR A 419 3.18 -32.80 19.80
N ASN A 420 3.38 -31.79 20.63
CA ASN A 420 3.79 -32.11 22.00
C ASN A 420 2.58 -32.55 22.80
N LEU A 421 1.42 -32.02 22.48
CA LEU A 421 0.18 -32.50 23.12
C LEU A 421 -0.01 -33.97 22.78
N GLY A 422 0.27 -34.35 21.54
CA GLY A 422 0.10 -35.76 21.19
C GLY A 422 1.10 -36.64 21.93
N LYS A 423 2.34 -36.19 22.09
CA LYS A 423 3.30 -36.99 22.86
C LYS A 423 2.92 -37.08 24.33
N MET A 424 2.24 -36.06 24.83
CA MET A 424 1.92 -36.03 26.28
C MET A 424 0.71 -36.92 26.64
N MET A 425 -0.18 -37.15 25.66
CA MET A 425 -1.56 -37.56 25.92
C MET A 425 -1.61 -38.85 26.72
N SER A 426 -0.77 -39.81 26.37
CA SER A 426 -0.82 -41.11 27.04
C SER A 426 -0.39 -41.03 28.48
N LYS A 427 0.22 -39.90 28.88
CA LYS A 427 0.71 -39.77 30.28
C LYS A 427 -0.29 -39.07 31.21
N ILE A 428 -1.39 -38.63 30.61
CA ILE A 428 -2.45 -37.93 31.33
C ILE A 428 -3.40 -38.89 31.99
N PHE A 429 -3.58 -38.71 33.29
CA PHE A 429 -4.55 -39.51 34.03
C PHE A 429 -6.01 -39.20 33.62
N PRO A 430 -6.80 -40.22 33.21
CA PRO A 430 -8.18 -39.88 32.86
C PRO A 430 -9.00 -39.54 34.11
N VAL A 431 -9.58 -38.35 34.11
CA VAL A 431 -10.34 -37.82 35.23
C VAL A 431 -11.84 -37.92 34.97
N LYS A 432 -12.57 -38.56 35.87
CA LYS A 432 -13.98 -38.78 35.61
C LYS A 432 -14.78 -37.47 35.77
N GLU A 433 -14.53 -36.75 36.85
CA GLU A 433 -15.22 -35.52 37.11
C GLU A 433 -14.44 -34.53 37.93
N ARG A 434 -14.88 -33.29 37.85
CA ARG A 434 -14.35 -32.17 38.59
C ARG A 434 -15.62 -31.43 38.90
N SER A 435 -16.49 -32.07 39.65
CA SER A 435 -17.83 -31.56 39.93
C SER A 435 -17.88 -30.17 40.52
N GLU A 436 -17.08 -29.92 41.55
CA GLU A 436 -17.05 -28.62 42.23
C GLU A 436 -16.53 -27.51 41.34
N TRP A 437 -15.47 -27.81 40.59
CA TRP A 437 -14.84 -26.84 39.72
C TRP A 437 -15.86 -26.44 38.64
N PHE A 438 -16.49 -27.42 37.97
CA PHE A 438 -17.48 -27.06 36.95
C PHE A 438 -18.77 -26.46 37.55
N ALA A 439 -19.15 -26.87 38.76
CA ALA A 439 -20.28 -26.23 39.42
C ALA A 439 -19.98 -24.73 39.68
N GLN A 440 -18.75 -24.43 40.09
CA GLN A 440 -18.35 -23.03 40.29
C GLN A 440 -18.33 -22.23 38.97
N ILE A 441 -17.79 -22.84 37.91
CA ILE A 441 -17.78 -22.21 36.59
C ILE A 441 -19.21 -21.94 36.10
N ASN A 442 -20.11 -22.89 36.29
CA ASN A 442 -21.46 -22.75 35.76
C ASN A 442 -22.29 -21.75 36.54
N LYS A 443 -21.97 -21.61 37.83
CA LYS A 443 -22.57 -20.59 38.66
C LYS A 443 -22.17 -19.22 38.12
N TRP A 444 -20.90 -19.08 37.77
CA TRP A 444 -20.38 -17.85 37.21
C TRP A 444 -21.05 -17.49 35.89
N LYS A 445 -21.27 -18.50 35.04
CA LYS A 445 -21.87 -18.30 33.72
C LYS A 445 -23.27 -17.69 33.90
N LYS A 446 -23.92 -18.10 34.97
CA LYS A 446 -25.26 -17.59 35.31
C LYS A 446 -25.15 -16.15 35.83
N GLU A 447 -24.31 -15.94 36.83
CA GLU A 447 -24.18 -14.62 37.44
C GLU A 447 -23.66 -13.53 36.50
N TYR A 448 -22.83 -13.89 35.52
CA TYR A 448 -22.13 -12.86 34.72
C TYR A 448 -22.12 -13.01 33.17
N PRO A 449 -23.31 -13.04 32.51
CA PRO A 449 -23.26 -13.10 31.02
C PRO A 449 -22.72 -11.80 30.36
N TYR A 450 -22.28 -11.85 29.09
CA TYR A 450 -22.09 -10.61 28.33
C TYR A 450 -23.38 -9.79 28.44
N ALA A 451 -23.24 -8.50 28.70
CA ALA A 451 -24.40 -7.60 28.72
C ALA A 451 -24.14 -6.37 27.85
N TYR A 452 -25.22 -5.81 27.32
CA TYR A 452 -25.16 -4.59 26.51
C TYR A 452 -26.60 -4.03 26.47
N MET A 453 -26.74 -2.71 26.27
CA MET A 453 -28.08 -2.11 26.19
C MET A 453 -28.85 -2.61 24.96
N GLU A 454 -29.85 -3.46 25.17
CA GLU A 454 -30.59 -4.05 24.05
C GLU A 454 -31.65 -3.09 23.50
N GLU A 455 -32.20 -3.42 22.34
CA GLU A 455 -33.21 -2.57 21.71
C GLU A 455 -34.44 -2.43 22.58
N THR A 456 -35.12 -1.31 22.38
CA THR A 456 -36.43 -1.07 22.91
C THR A 456 -37.28 -0.60 21.72
N PRO A 457 -38.62 -0.67 21.87
CA PRO A 457 -39.57 -0.18 20.85
C PRO A 457 -39.18 1.15 20.20
N GLY A 458 -38.99 1.16 18.88
CA GLY A 458 -38.70 2.40 18.21
C GLY A 458 -37.21 2.79 18.20
N SER A 459 -36.38 2.10 18.98
CA SER A 459 -34.96 2.48 19.02
C SER A 459 -34.18 1.99 17.80
N LYS A 460 -33.01 2.55 17.61
CA LYS A 460 -32.12 2.03 16.58
C LYS A 460 -31.66 0.62 16.97
N ILE A 461 -31.31 -0.16 15.95
CA ILE A 461 -30.78 -1.50 16.07
C ILE A 461 -29.37 -1.45 16.70
N LYS A 462 -29.09 -2.40 17.60
CA LYS A 462 -27.76 -2.56 18.20
C LYS A 462 -26.92 -3.53 17.39
N PRO A 463 -25.63 -3.19 17.13
CA PRO A 463 -24.83 -4.09 16.33
C PRO A 463 -24.69 -5.44 17.02
N GLN A 464 -24.72 -5.49 18.35
CA GLN A 464 -24.52 -6.77 19.03
C GLN A 464 -25.70 -7.70 18.70
N THR A 465 -26.88 -7.09 18.60
CA THR A 465 -28.09 -7.83 18.28
C THR A 465 -27.99 -8.39 16.86
N VAL A 466 -27.49 -7.58 15.94
CA VAL A 466 -27.32 -8.09 14.57
C VAL A 466 -26.44 -9.33 14.56
N ILE A 467 -25.33 -9.25 15.28
CA ILE A 467 -24.37 -10.33 15.28
C ILE A 467 -24.90 -11.60 15.91
N LYS A 468 -25.61 -11.46 17.04
CA LYS A 468 -26.22 -12.61 17.72
C LYS A 468 -27.21 -13.27 16.80
N LYS A 469 -28.10 -12.46 16.21
CA LYS A 469 -29.10 -13.00 15.32
C LYS A 469 -28.48 -13.67 14.09
N LEU A 470 -27.49 -13.04 13.50
CA LEU A 470 -26.87 -13.56 12.29
C LEU A 470 -26.10 -14.88 12.62
N SER A 471 -25.50 -14.95 13.81
CA SER A 471 -24.80 -16.17 14.21
C SER A 471 -25.77 -17.34 14.20
N LYS A 472 -26.99 -17.10 14.64
CA LYS A 472 -27.97 -18.17 14.71
C LYS A 472 -28.50 -18.58 13.31
N VAL A 473 -28.87 -17.59 12.51
CA VAL A 473 -29.29 -17.78 11.15
C VAL A 473 -28.21 -18.55 10.37
N ALA A 474 -26.96 -18.11 10.46
CA ALA A 474 -25.86 -18.80 9.76
C ALA A 474 -25.73 -20.25 10.22
N ASN A 475 -25.71 -20.46 11.52
CA ASN A 475 -25.58 -21.81 12.05
C ASN A 475 -26.73 -22.72 11.64
N ASP A 476 -27.94 -22.18 11.55
CA ASP A 476 -29.11 -22.97 11.19
C ASP A 476 -29.11 -23.39 9.73
N THR A 477 -28.27 -22.79 8.88
CA THR A 477 -28.20 -23.20 7.47
C THR A 477 -27.64 -24.65 7.36
N GLY A 478 -27.00 -25.12 8.42
CA GLY A 478 -26.31 -26.41 8.35
C GLY A 478 -24.92 -26.37 7.69
N ARG A 479 -24.56 -25.24 7.07
CA ARG A 479 -23.29 -25.11 6.36
C ARG A 479 -22.09 -24.89 7.26
N HIS A 480 -20.92 -25.16 6.72
CA HIS A 480 -19.71 -24.73 7.36
C HIS A 480 -19.60 -23.20 7.17
N VAL A 481 -19.31 -22.45 8.23
CA VAL A 481 -19.39 -21.00 8.16
C VAL A 481 -18.11 -20.37 8.62
N ILE A 482 -17.57 -19.50 7.78
CA ILE A 482 -16.31 -18.80 8.07
C ILE A 482 -16.63 -17.31 8.23
N VAL A 483 -16.04 -16.65 9.21
CA VAL A 483 -16.32 -15.24 9.45
C VAL A 483 -15.06 -14.39 9.35
N THR A 484 -15.09 -13.30 8.55
CA THR A 484 -13.96 -12.34 8.58
C THR A 484 -14.52 -11.06 9.15
N THR A 485 -13.64 -10.11 9.49
CA THR A 485 -14.10 -8.79 9.96
C THR A 485 -13.22 -7.67 9.50
N GLY A 486 -13.72 -6.45 9.68
CA GLY A 486 -12.91 -5.24 9.58
C GLY A 486 -12.29 -4.97 10.93
N VAL A 487 -11.93 -3.73 11.14
CA VAL A 487 -11.26 -3.37 12.38
C VAL A 487 -12.07 -2.23 13.03
N GLY A 488 -12.39 -2.34 14.30
CA GLY A 488 -13.18 -1.30 14.94
C GLY A 488 -14.05 -1.94 16.01
N GLN A 489 -15.06 -1.24 16.52
CA GLN A 489 -15.92 -1.86 17.51
C GLN A 489 -16.60 -3.16 17.06
N HIS A 490 -17.05 -3.19 15.79
CA HIS A 490 -17.69 -4.37 15.27
C HIS A 490 -16.79 -5.64 15.33
N GLN A 491 -15.47 -5.44 15.24
CA GLN A 491 -14.58 -6.56 15.31
C GLN A 491 -14.65 -7.24 16.69
N MET A 492 -14.62 -6.44 17.72
CA MET A 492 -14.76 -7.01 19.07
C MET A 492 -16.19 -7.59 19.29
N TRP A 493 -17.21 -6.94 18.75
CA TRP A 493 -18.58 -7.48 18.95
C TRP A 493 -18.70 -8.83 18.25
N ALA A 494 -18.04 -8.98 17.12
CA ALA A 494 -18.08 -10.24 16.40
C ALA A 494 -17.40 -11.35 17.22
N ALA A 495 -16.22 -11.02 17.74
CA ALA A 495 -15.49 -11.97 18.58
C ALA A 495 -16.38 -12.46 19.73
N GLN A 496 -17.01 -11.51 20.41
CA GLN A 496 -17.74 -11.84 21.61
C GLN A 496 -19.06 -12.53 21.34
N HIS A 497 -19.82 -11.98 20.40
CA HIS A 497 -21.23 -12.36 20.31
C HIS A 497 -21.55 -13.41 19.27
N TRP A 498 -20.59 -13.71 18.41
CA TRP A 498 -20.79 -14.85 17.52
C TRP A 498 -20.60 -16.12 18.37
N THR A 499 -21.27 -17.22 18.04
CA THR A 499 -20.98 -18.51 18.69
C THR A 499 -19.99 -19.31 17.84
N TRP A 500 -18.77 -19.47 18.35
CA TRP A 500 -17.70 -20.10 17.59
C TRP A 500 -17.75 -21.60 17.77
N ARG A 501 -17.70 -22.34 16.68
CA ARG A 501 -17.86 -23.79 16.77
C ARG A 501 -16.73 -24.60 16.15
N ASN A 502 -16.13 -24.10 15.04
CA ASN A 502 -15.17 -24.86 14.22
C ASN A 502 -13.85 -24.16 14.01
N PRO A 503 -12.74 -24.92 13.82
CA PRO A 503 -11.42 -24.25 13.69
C PRO A 503 -11.27 -23.61 12.32
N HIS A 504 -10.43 -22.61 12.27
CA HIS A 504 -10.12 -21.88 11.03
C HIS A 504 -11.38 -21.19 10.50
N THR A 505 -12.17 -20.61 11.39
CA THR A 505 -13.42 -19.95 10.93
C THR A 505 -13.53 -18.49 11.38
N PHE A 506 -12.56 -18.00 12.17
CA PHE A 506 -12.57 -16.58 12.59
C PHE A 506 -11.30 -15.96 12.04
N ILE A 507 -11.47 -15.02 11.09
CA ILE A 507 -10.35 -14.53 10.30
C ILE A 507 -10.36 -13.02 10.48
N THR A 508 -9.50 -12.55 11.36
CA THR A 508 -9.60 -11.15 11.75
C THR A 508 -8.18 -10.63 11.94
N SER A 509 -7.98 -9.34 11.65
CA SER A 509 -6.66 -8.75 11.77
C SER A 509 -6.44 -8.32 13.23
N GLY A 510 -5.72 -9.09 14.02
CA GLY A 510 -5.62 -8.75 15.45
C GLY A 510 -4.28 -8.11 15.77
N GLY A 511 -3.22 -8.56 15.14
CA GLY A 511 -1.92 -8.07 15.52
C GLY A 511 -1.57 -6.74 14.93
N LEU A 512 -1.98 -6.48 13.68
CA LEU A 512 -1.78 -5.13 13.13
C LEU A 512 -3.07 -4.24 13.14
N GLY A 513 -4.24 -4.86 13.10
CA GLY A 513 -5.51 -4.09 13.10
C GLY A 513 -5.68 -3.35 11.78
N THR A 514 -5.52 -4.06 10.64
CA THR A 514 -5.58 -3.34 9.36
C THR A 514 -7.02 -3.11 8.92
N MET A 515 -7.49 -1.87 8.95
CA MET A 515 -8.80 -1.57 8.36
C MET A 515 -8.83 -1.98 6.89
N GLY A 516 -9.94 -2.57 6.40
CA GLY A 516 -10.04 -2.99 4.99
C GLY A 516 -9.78 -4.47 4.81
N TYR A 517 -9.37 -5.14 5.88
CA TYR A 517 -9.04 -6.58 5.80
C TYR A 517 -10.23 -7.45 5.42
N GLY A 518 -11.40 -7.09 5.93
CA GLY A 518 -12.51 -8.02 5.91
C GLY A 518 -12.93 -8.56 4.55
N LEU A 519 -13.06 -7.68 3.55
CA LEU A 519 -13.58 -8.12 2.24
C LEU A 519 -12.51 -8.99 1.49
N PRO A 520 -11.30 -8.47 1.26
CA PRO A 520 -10.39 -9.38 0.52
C PRO A 520 -10.10 -10.66 1.32
N ALA A 521 -10.07 -10.60 2.65
CA ALA A 521 -9.83 -11.82 3.39
C ALA A 521 -10.96 -12.82 3.15
N ALA A 522 -12.21 -12.33 3.13
CA ALA A 522 -13.33 -13.22 2.86
C ALA A 522 -13.19 -13.82 1.46
N ILE A 523 -12.77 -13.01 0.49
CA ILE A 523 -12.65 -13.54 -0.89
C ILE A 523 -11.60 -14.67 -0.88
N GLY A 524 -10.47 -14.46 -0.22
CA GLY A 524 -9.47 -15.53 -0.16
C GLY A 524 -9.93 -16.75 0.64
N ALA A 525 -10.67 -16.53 1.72
CA ALA A 525 -11.18 -17.66 2.51
C ALA A 525 -12.14 -18.43 1.67
N GLN A 526 -12.92 -17.72 0.86
CA GLN A 526 -13.94 -18.40 0.02
C GLN A 526 -13.26 -19.26 -1.06
N VAL A 527 -12.18 -18.75 -1.64
CA VAL A 527 -11.38 -19.52 -2.62
C VAL A 527 -10.84 -20.76 -1.94
N ALA A 528 -10.36 -20.61 -0.69
CA ALA A 528 -9.84 -21.79 0.02
C ALA A 528 -10.93 -22.83 0.28
N LYS A 529 -12.15 -22.37 0.59
CA LYS A 529 -13.26 -23.24 1.05
C LYS A 529 -14.53 -22.92 0.24
N PRO A 530 -14.56 -23.33 -1.02
CA PRO A 530 -15.60 -22.86 -1.96
C PRO A 530 -17.02 -23.28 -1.49
N GLU A 531 -17.12 -24.28 -0.62
CA GLU A 531 -18.45 -24.77 -0.18
C GLU A 531 -18.95 -24.06 1.09
N SER A 532 -18.08 -23.30 1.71
CA SER A 532 -18.39 -22.65 2.98
C SER A 532 -19.22 -21.40 2.74
N LEU A 533 -20.11 -21.10 3.70
CA LEU A 533 -20.73 -19.77 3.77
C LEU A 533 -19.69 -18.85 4.37
N VAL A 534 -19.32 -17.79 3.64
CA VAL A 534 -18.28 -16.90 4.12
C VAL A 534 -18.89 -15.52 4.34
N ILE A 535 -18.82 -15.05 5.57
CA ILE A 535 -19.45 -13.78 5.95
C ILE A 535 -18.35 -12.81 6.41
N ASP A 536 -18.32 -11.59 5.86
CA ASP A 536 -17.51 -10.49 6.36
C ASP A 536 -18.36 -9.58 7.26
N ILE A 537 -18.08 -9.59 8.57
CA ILE A 537 -18.77 -8.67 9.48
C ILE A 537 -17.95 -7.40 9.52
N ASP A 538 -18.40 -6.35 8.83
CA ASP A 538 -17.51 -5.22 8.53
C ASP A 538 -18.06 -3.95 9.09
N GLY A 539 -17.19 -2.95 9.27
CA GLY A 539 -17.65 -1.61 9.66
C GLY A 539 -17.66 -0.67 8.44
N ASP A 540 -18.44 0.41 8.50
CA ASP A 540 -18.44 1.30 7.31
C ASP A 540 -17.06 1.91 6.98
N ALA A 541 -16.32 2.41 7.97
CA ALA A 541 -15.04 3.06 7.57
C ALA A 541 -14.04 2.01 7.10
N SER A 542 -13.98 0.89 7.79
N SER A 542 -14.03 0.85 7.76
CA SER A 542 -13.11 -0.21 7.33
CA SER A 542 -13.12 -0.24 7.38
C SER A 542 -13.43 -0.59 5.89
C SER A 542 -13.42 -0.81 5.99
N PHE A 543 -14.71 -0.84 5.65
CA PHE A 543 -15.13 -1.37 4.38
C PHE A 543 -14.70 -0.40 3.23
N ASN A 544 -14.81 0.89 3.47
CA ASN A 544 -14.36 1.91 2.51
C ASN A 544 -12.90 1.82 2.10
N MET A 545 -12.05 1.29 2.97
CA MET A 545 -10.62 1.17 2.59
C MET A 545 -10.43 0.35 1.33
N THR A 546 -11.15 -0.77 1.20
CA THR A 546 -10.82 -1.75 0.15
C THR A 546 -12.03 -2.17 -0.67
N LEU A 547 -13.08 -1.35 -0.68
CA LEU A 547 -14.35 -1.79 -1.31
C LEU A 547 -14.21 -1.98 -2.82
N THR A 548 -13.11 -1.52 -3.43
CA THR A 548 -12.97 -1.80 -4.87
C THR A 548 -12.94 -3.30 -5.14
N GLU A 549 -12.58 -4.09 -4.12
CA GLU A 549 -12.49 -5.53 -4.36
C GLU A 549 -13.85 -6.19 -4.48
N LEU A 550 -14.95 -5.44 -4.33
CA LEU A 550 -16.24 -6.09 -4.58
C LEU A 550 -16.31 -6.69 -5.98
N SER A 551 -15.78 -5.99 -6.99
CA SER A 551 -15.87 -6.53 -8.35
C SER A 551 -14.98 -7.76 -8.45
N SER A 552 -13.89 -7.79 -7.67
CA SER A 552 -13.02 -8.97 -7.65
C SER A 552 -13.75 -10.21 -7.17
N ALA A 553 -14.69 -10.03 -6.25
CA ALA A 553 -15.43 -11.18 -5.76
C ALA A 553 -16.31 -11.72 -6.84
N VAL A 554 -16.90 -10.82 -7.61
CA VAL A 554 -17.76 -11.30 -8.70
C VAL A 554 -16.90 -12.04 -9.73
N GLN A 555 -15.76 -11.47 -10.07
CA GLN A 555 -14.92 -12.09 -11.09
C GLN A 555 -14.35 -13.46 -10.64
N ALA A 556 -14.02 -13.56 -9.37
CA ALA A 556 -13.46 -14.80 -8.82
C ALA A 556 -14.54 -15.86 -8.54
N GLY A 557 -15.82 -15.51 -8.69
CA GLY A 557 -16.91 -16.45 -8.44
C GLY A 557 -17.00 -16.79 -6.95
N THR A 558 -16.69 -15.84 -6.06
CA THR A 558 -16.72 -16.11 -4.60
C THR A 558 -17.97 -15.46 -4.03
N PRO A 559 -19.01 -16.26 -3.64
CA PRO A 559 -20.26 -15.60 -3.26
C PRO A 559 -20.25 -15.16 -1.79
N VAL A 560 -19.33 -14.27 -1.47
CA VAL A 560 -19.18 -13.82 -0.10
C VAL A 560 -20.38 -12.99 0.33
N LYS A 561 -20.68 -13.05 1.63
CA LYS A 561 -21.81 -12.33 2.24
C LYS A 561 -21.17 -11.18 3.01
N ILE A 562 -21.33 -9.95 2.53
CA ILE A 562 -20.71 -8.79 3.13
C ILE A 562 -21.71 -8.05 4.01
N LEU A 563 -21.46 -8.01 5.32
CA LEU A 563 -22.34 -7.30 6.24
C LEU A 563 -21.71 -5.95 6.62
N ILE A 564 -22.41 -4.83 6.38
CA ILE A 564 -21.88 -3.54 6.83
C ILE A 564 -22.70 -3.03 7.99
N LEU A 565 -22.07 -2.97 9.18
CA LEU A 565 -22.74 -2.35 10.33
C LEU A 565 -22.41 -0.87 10.26
N ASN A 566 -23.38 -0.08 9.83
CA ASN A 566 -23.11 1.31 9.54
C ASN A 566 -23.60 2.11 10.70
N ASN A 567 -22.66 2.56 11.54
CA ASN A 567 -23.00 3.42 12.67
C ASN A 567 -22.68 4.89 12.41
N GLU A 568 -22.53 5.29 11.15
CA GLU A 568 -22.26 6.69 10.84
C GLU A 568 -23.53 7.49 10.63
N GLU A 569 -23.76 8.50 11.50
CA GLU A 569 -24.79 9.57 11.35
C GLU A 569 -26.23 9.11 11.52
N SER A 586 -16.64 20.21 14.96
CA SER A 586 -17.32 18.93 15.20
C SER A 586 -16.30 17.77 15.33
N HIS A 587 -16.84 16.54 15.36
CA HIS A 587 -16.05 15.29 15.42
C HIS A 587 -15.61 14.95 13.98
N THR A 588 -15.14 13.72 13.73
CA THR A 588 -14.79 13.23 12.39
C THR A 588 -15.97 12.54 11.71
N HIS A 589 -16.45 13.14 10.62
CA HIS A 589 -17.52 12.55 9.85
C HIS A 589 -17.04 12.16 8.46
N GLN A 590 -17.27 10.94 8.08
CA GLN A 590 -16.92 10.51 6.75
C GLN A 590 -18.17 10.34 5.91
N LEU A 591 -18.12 10.85 4.69
CA LEU A 591 -19.21 10.60 3.73
C LEU A 591 -19.14 9.18 3.21
N ASN A 592 -20.20 8.37 3.42
CA ASN A 592 -20.23 7.01 2.87
C ASN A 592 -20.85 7.01 1.49
N PRO A 593 -20.42 6.09 0.61
CA PRO A 593 -21.27 5.96 -0.60
C PRO A 593 -22.63 5.33 -0.26
N ASP A 594 -23.58 5.30 -1.20
CA ASP A 594 -24.78 4.48 -1.05
C ASP A 594 -24.29 3.05 -1.23
N PHE A 595 -24.25 2.25 -0.17
CA PHE A 595 -23.66 0.90 -0.25
C PHE A 595 -24.44 -0.09 -1.12
N ILE A 596 -25.74 0.11 -1.18
CA ILE A 596 -26.61 -0.77 -1.97
C ILE A 596 -26.39 -0.46 -3.47
N LYS A 597 -26.38 0.82 -3.83
CA LYS A 597 -26.13 1.19 -5.22
C LYS A 597 -24.69 0.81 -5.61
N LEU A 598 -23.77 0.93 -4.66
CA LEU A 598 -22.39 0.48 -4.90
C LEU A 598 -22.31 -1.01 -5.21
N ALA A 599 -22.96 -1.81 -4.37
CA ALA A 599 -22.90 -3.24 -4.57
C ALA A 599 -23.50 -3.56 -5.96
N GLU A 600 -24.65 -2.96 -6.30
CA GLU A 600 -25.21 -3.18 -7.64
C GLU A 600 -24.25 -2.73 -8.78
N ALA A 601 -23.58 -1.59 -8.64
CA ALA A 601 -22.62 -1.14 -9.64
C ALA A 601 -21.51 -2.16 -9.86
N MET A 602 -21.15 -2.83 -8.79
CA MET A 602 -20.06 -3.79 -8.76
C MET A 602 -20.47 -5.16 -9.25
N GLY A 603 -21.76 -5.35 -9.42
CA GLY A 603 -22.25 -6.60 -9.92
C GLY A 603 -22.84 -7.58 -8.95
N LEU A 604 -23.19 -7.13 -7.76
CA LEU A 604 -23.80 -8.01 -6.82
C LEU A 604 -25.05 -7.46 -6.20
N LYS A 605 -25.77 -8.31 -5.52
CA LYS A 605 -26.98 -7.94 -4.87
C LYS A 605 -26.71 -7.11 -3.65
N GLY A 606 -27.52 -6.10 -3.44
CA GLY A 606 -27.44 -5.21 -2.31
C GLY A 606 -28.74 -5.12 -1.52
N LEU A 607 -28.68 -5.24 -0.22
CA LEU A 607 -29.83 -5.17 0.66
C LEU A 607 -29.58 -4.21 1.77
N ARG A 608 -30.64 -3.62 2.29
CA ARG A 608 -30.51 -2.66 3.40
C ARG A 608 -31.56 -2.92 4.47
N VAL A 609 -31.15 -2.82 5.74
CA VAL A 609 -32.07 -2.79 6.90
C VAL A 609 -31.97 -1.47 7.64
N LYS A 610 -33.09 -0.81 7.82
CA LYS A 610 -33.14 0.47 8.54
C LYS A 610 -33.83 0.39 9.88
N LYS A 611 -34.77 -0.53 10.06
CA LYS A 611 -35.50 -0.62 11.32
C LYS A 611 -35.61 -2.07 11.78
N GLN A 612 -35.90 -2.23 13.07
CA GLN A 612 -35.86 -3.53 13.75
C GLN A 612 -36.71 -4.59 13.10
N GLU A 613 -37.88 -4.17 12.64
CA GLU A 613 -38.89 -5.11 12.16
C GLU A 613 -38.47 -5.73 10.83
N GLU A 614 -37.52 -5.12 10.13
CA GLU A 614 -37.03 -5.67 8.88
C GLU A 614 -35.90 -6.68 9.04
N LEU A 615 -35.28 -6.70 10.22
CA LEU A 615 -33.94 -7.30 10.34
C LEU A 615 -33.93 -8.84 10.15
N ASP A 616 -34.81 -9.52 10.89
CA ASP A 616 -34.90 -10.99 10.78
C ASP A 616 -35.05 -11.47 9.31
N ALA A 617 -36.01 -10.91 8.60
CA ALA A 617 -36.25 -11.31 7.22
C ALA A 617 -35.03 -10.98 6.36
N LYS A 618 -34.42 -9.82 6.57
CA LYS A 618 -33.34 -9.47 5.67
C LYS A 618 -32.13 -10.36 5.97
N LEU A 619 -31.93 -10.72 7.23
CA LEU A 619 -30.77 -11.58 7.52
C LEU A 619 -30.92 -12.95 6.87
N LYS A 620 -32.15 -13.47 6.88
CA LYS A 620 -32.43 -14.73 6.19
C LYS A 620 -32.22 -14.60 4.70
N GLU A 621 -32.74 -13.54 4.09
CA GLU A 621 -32.51 -13.30 2.67
C GLU A 621 -31.03 -13.21 2.35
N PHE A 622 -30.30 -12.46 3.18
CA PHE A 622 -28.84 -12.28 3.06
C PHE A 622 -28.12 -13.66 2.97
N VAL A 623 -28.28 -14.54 3.97
CA VAL A 623 -27.48 -15.78 3.96
C VAL A 623 -27.95 -16.79 2.89
N SER A 624 -29.24 -16.70 2.50
CA SER A 624 -29.85 -17.55 1.46
C SER A 624 -29.54 -17.16 0.04
N THR A 625 -29.02 -15.96 -0.16
CA THR A 625 -28.75 -15.48 -1.49
C THR A 625 -27.67 -16.36 -2.11
N LYS A 626 -27.84 -16.74 -3.38
CA LYS A 626 -26.89 -17.69 -3.98
C LYS A 626 -25.49 -17.07 -4.24
N GLY A 627 -25.44 -15.91 -4.89
CA GLY A 627 -24.17 -15.25 -5.22
C GLY A 627 -23.65 -14.34 -4.11
N PRO A 628 -22.71 -13.49 -4.44
CA PRO A 628 -22.21 -12.51 -3.48
C PRO A 628 -23.32 -11.49 -3.18
N VAL A 629 -23.35 -10.97 -1.96
CA VAL A 629 -24.46 -10.07 -1.58
C VAL A 629 -23.91 -9.14 -0.48
N LEU A 630 -24.36 -7.89 -0.51
CA LEU A 630 -23.99 -6.94 0.54
C LEU A 630 -25.26 -6.55 1.29
N LEU A 631 -25.23 -6.70 2.62
CA LEU A 631 -26.34 -6.25 3.44
C LEU A 631 -25.82 -5.12 4.32
N GLU A 632 -26.43 -3.95 4.21
CA GLU A 632 -26.09 -2.87 5.12
C GLU A 632 -27.14 -2.81 6.20
N VAL A 633 -26.72 -2.78 7.46
CA VAL A 633 -27.67 -2.54 8.56
C VAL A 633 -27.31 -1.23 9.24
N GLU A 634 -28.25 -0.32 9.29
CA GLU A 634 -28.07 0.95 9.98
C GLU A 634 -28.20 0.67 11.46
N VAL A 635 -27.14 0.91 12.23
CA VAL A 635 -27.17 0.62 13.67
C VAL A 635 -26.90 1.86 14.52
N ASP A 636 -27.18 1.79 15.82
CA ASP A 636 -26.89 2.85 16.76
C ASP A 636 -25.38 3.18 16.87
N LYS A 637 -25.07 4.45 17.11
CA LYS A 637 -23.69 4.94 17.28
C LYS A 637 -23.19 4.67 18.70
N LYS A 638 -21.91 4.40 18.91
CA LYS A 638 -21.47 4.37 20.32
C LYS A 638 -20.80 5.67 20.74
N PRO B 73 18.01 36.38 21.63
CA PRO B 73 17.08 35.47 22.31
C PRO B 73 17.52 33.98 22.19
N ASP B 74 18.25 33.48 23.20
CA ASP B 74 18.87 32.16 23.15
C ASP B 74 17.92 31.00 23.35
N MET B 75 17.10 31.09 24.40
CA MET B 75 16.07 30.10 24.70
C MET B 75 14.73 30.59 24.25
N ASP B 76 13.86 29.66 23.91
CA ASP B 76 12.55 29.95 23.39
C ASP B 76 11.55 29.35 24.39
N THR B 77 10.74 30.21 25.00
CA THR B 77 9.83 29.82 26.06
C THR B 77 8.40 29.73 25.54
N SER B 78 8.23 30.01 24.28
CA SER B 78 6.93 30.24 23.74
C SER B 78 6.09 28.95 23.61
N PHE B 79 6.74 27.78 23.65
CA PHE B 79 5.99 26.55 23.60
C PHE B 79 5.77 25.94 25.00
N VAL B 80 6.38 26.51 26.03
CA VAL B 80 6.29 25.91 27.37
C VAL B 80 4.83 25.85 27.85
N GLY B 81 4.38 24.69 28.34
CA GLY B 81 2.98 24.55 28.73
C GLY B 81 2.10 24.00 27.62
N LEU B 82 2.62 23.89 26.40
CA LEU B 82 1.82 23.33 25.31
C LEU B 82 2.03 21.83 25.22
N THR B 83 1.01 21.11 24.80
CA THR B 83 1.24 19.71 24.37
C THR B 83 1.99 19.59 23.05
N GLY B 84 2.57 18.41 22.82
CA GLY B 84 3.24 18.16 21.54
C GLY B 84 2.27 18.40 20.37
N GLY B 85 1.01 18.03 20.56
CA GLY B 85 -0.01 18.26 19.55
C GLY B 85 -0.19 19.74 19.25
N GLN B 86 -0.24 20.56 20.29
CA GLN B 86 -0.36 21.99 20.05
C GLN B 86 0.91 22.60 19.45
N ILE B 87 2.06 22.02 19.81
CA ILE B 87 3.32 22.49 19.24
C ILE B 87 3.35 22.16 17.75
N PHE B 88 2.88 20.98 17.41
CA PHE B 88 2.80 20.56 16.03
C PHE B 88 1.99 21.57 15.19
N ASN B 89 0.85 21.93 15.73
CA ASN B 89 -0.06 22.89 15.14
C ASN B 89 0.68 24.24 14.91
N GLU B 90 1.33 24.78 15.95
CA GLU B 90 2.10 26.01 15.78
C GLU B 90 3.22 25.84 14.75
N MET B 91 3.88 24.69 14.74
CA MET B 91 4.97 24.50 13.82
C MET B 91 4.44 24.44 12.38
N MET B 92 3.23 23.88 12.13
CA MET B 92 2.69 23.91 10.75
C MET B 92 2.51 25.36 10.26
N SER B 93 1.97 26.22 11.12
CA SER B 93 1.86 27.64 10.80
C SER B 93 3.20 28.29 10.49
N ARG B 94 4.20 28.08 11.35
CA ARG B 94 5.56 28.59 11.05
C ARG B 94 6.14 28.05 9.74
N GLN B 95 5.71 26.86 9.32
CA GLN B 95 6.13 26.38 8.01
C GLN B 95 5.18 26.80 6.86
N ASN B 96 4.22 27.68 7.13
CA ASN B 96 3.26 28.13 6.11
C ASN B 96 2.43 27.02 5.50
N VAL B 97 2.13 26.00 6.28
CA VAL B 97 1.23 24.94 5.86
C VAL B 97 -0.21 25.40 6.03
N ASP B 98 -1.05 25.26 5.00
CA ASP B 98 -2.47 25.48 5.30
C ASP B 98 -3.38 24.28 4.96
N THR B 99 -2.77 23.16 4.52
CA THR B 99 -3.49 21.96 4.06
C THR B 99 -2.78 20.75 4.57
N VAL B 100 -3.54 19.83 5.18
CA VAL B 100 -2.93 18.57 5.58
C VAL B 100 -3.82 17.42 5.10
N PHE B 101 -3.24 16.33 4.62
CA PHE B 101 -3.94 15.17 4.12
C PHE B 101 -3.73 14.06 5.13
N GLY B 102 -4.78 13.45 5.68
CA GLY B 102 -4.48 12.37 6.63
C GLY B 102 -5.66 11.62 7.12
N TYR B 103 -5.44 10.74 8.08
CA TYR B 103 -6.53 9.82 8.45
C TYR B 103 -6.31 9.45 9.94
N PRO B 104 -7.36 9.47 10.77
CA PRO B 104 -7.14 9.33 12.22
C PRO B 104 -6.75 7.89 12.66
N GLY B 105 -6.17 7.78 13.86
CA GLY B 105 -6.05 6.52 14.57
C GLY B 105 -5.47 6.81 15.97
N GLY B 106 -5.47 5.81 16.85
CA GLY B 106 -5.19 6.06 18.28
C GLY B 106 -3.82 6.70 18.45
N ALA B 107 -2.85 6.24 17.71
CA ALA B 107 -1.44 6.68 18.00
C ALA B 107 -1.20 8.13 17.60
N ILE B 108 -1.99 8.64 16.64
CA ILE B 108 -1.68 9.98 16.10
C ILE B 108 -2.68 10.97 16.68
N LEU B 109 -3.55 10.44 17.53
CA LEU B 109 -4.65 11.21 18.06
C LEU B 109 -4.28 12.60 18.69
N PRO B 110 -3.18 12.67 19.49
CA PRO B 110 -2.85 13.98 20.08
C PRO B 110 -2.59 15.01 19.00
N VAL B 111 -2.05 14.58 17.86
CA VAL B 111 -1.76 15.52 16.77
C VAL B 111 -2.97 15.76 15.89
N TYR B 112 -3.67 14.65 15.58
CA TYR B 112 -4.90 14.74 14.81
C TYR B 112 -5.90 15.69 15.42
N ASP B 113 -6.21 15.52 16.70
CA ASP B 113 -7.14 16.42 17.38
C ASP B 113 -6.68 17.90 17.38
N ALA B 114 -5.39 18.14 17.48
CA ALA B 114 -4.92 19.51 17.48
C ALA B 114 -5.09 20.19 16.11
N ILE B 115 -4.93 19.48 15.01
CA ILE B 115 -5.03 20.19 13.73
C ILE B 115 -6.42 20.01 13.06
N HIS B 116 -7.01 18.83 13.17
CA HIS B 116 -8.32 18.59 12.58
C HIS B 116 -9.30 19.57 13.31
N ASN B 117 -9.02 20.01 14.55
CA ASN B 117 -9.90 21.02 15.12
C ASN B 117 -9.30 22.43 15.03
N SER B 118 -8.81 22.85 13.87
CA SER B 118 -8.22 24.17 13.76
C SER B 118 -8.70 24.86 12.51
N ASP B 119 -9.02 26.14 12.66
CA ASP B 119 -9.48 26.97 11.56
C ASP B 119 -8.31 27.42 10.71
N LYS B 120 -7.10 27.12 11.17
CA LYS B 120 -5.90 27.43 10.39
C LYS B 120 -5.61 26.45 9.24
N PHE B 121 -6.18 25.24 9.29
CA PHE B 121 -5.79 24.16 8.34
C PHE B 121 -6.98 23.56 7.67
N ASN B 122 -6.80 23.29 6.39
CA ASN B 122 -7.77 22.55 5.66
C ASN B 122 -7.34 21.10 5.76
N PHE B 123 -8.07 20.34 6.55
CA PHE B 123 -7.70 18.95 6.75
C PHE B 123 -8.50 18.06 5.80
N VAL B 124 -7.82 17.33 4.89
CA VAL B 124 -8.54 16.64 3.80
C VAL B 124 -8.46 15.15 4.09
N LEU B 125 -9.61 14.51 4.19
CA LEU B 125 -9.68 13.08 4.55
C LEU B 125 -9.90 12.18 3.35
N PRO B 126 -9.07 11.16 3.18
CA PRO B 126 -9.32 10.13 2.16
C PRO B 126 -10.11 9.00 2.79
N LYS B 127 -10.35 7.95 2.00
CA LYS B 127 -10.92 6.71 2.55
C LYS B 127 -9.82 5.68 2.90
N HIS B 128 -8.60 5.91 2.41
CA HIS B 128 -7.45 4.99 2.59
C HIS B 128 -6.25 5.88 2.69
N GLU B 129 -5.29 5.58 3.58
CA GLU B 129 -4.11 6.45 3.71
C GLU B 129 -3.29 6.57 2.41
N GLN B 130 -3.35 5.55 1.55
CA GLN B 130 -2.58 5.70 0.29
C GLN B 130 -3.16 6.90 -0.47
N GLY B 131 -4.47 7.09 -0.33
CA GLY B 131 -5.13 8.23 -1.00
C GLY B 131 -4.58 9.55 -0.45
N ALA B 132 -4.39 9.62 0.86
CA ALA B 132 -3.82 10.86 1.45
C ALA B 132 -2.44 11.10 0.85
N GLY B 133 -1.64 10.03 0.72
CA GLY B 133 -0.28 10.19 0.21
C GLY B 133 -0.32 10.72 -1.21
N HIS B 134 -1.13 10.12 -2.10
CA HIS B 134 -1.10 10.61 -3.48
C HIS B 134 -1.82 11.97 -3.61
N MET B 135 -2.81 12.25 -2.75
CA MET B 135 -3.38 13.61 -2.72
C MET B 135 -2.28 14.62 -2.40
N ALA B 136 -1.46 14.31 -1.40
CA ALA B 136 -0.39 15.26 -0.98
C ALA B 136 0.58 15.47 -2.15
N GLU B 137 0.83 14.40 -2.90
CA GLU B 137 1.69 14.55 -4.09
C GLU B 137 1.09 15.48 -5.13
N GLY B 138 -0.19 15.25 -5.47
CA GLY B 138 -0.81 16.10 -6.45
C GLY B 138 -0.83 17.56 -5.94
N TYR B 139 -1.02 17.71 -4.65
CA TYR B 139 -1.09 19.07 -4.08
C TYR B 139 0.29 19.76 -4.22
N ALA B 140 1.34 19.03 -3.93
CA ALA B 140 2.69 19.54 -4.02
C ALA B 140 3.07 19.88 -5.45
N ARG B 141 2.74 19.00 -6.36
CA ARG B 141 3.07 19.19 -7.72
C ARG B 141 2.34 20.38 -8.33
N ALA B 142 1.12 20.63 -7.92
CA ALA B 142 0.35 21.73 -8.43
C ALA B 142 0.66 23.06 -7.76
N SER B 143 1.07 23.03 -6.51
CA SER B 143 1.33 24.21 -5.74
C SER B 143 2.77 24.64 -5.59
N GLY B 144 3.70 23.72 -5.69
CA GLY B 144 5.08 24.09 -5.47
C GLY B 144 5.41 24.07 -3.97
N LYS B 145 4.42 23.71 -3.15
CA LYS B 145 4.56 23.58 -1.67
C LYS B 145 4.74 22.12 -1.25
N PRO B 146 5.31 21.87 -0.05
CA PRO B 146 5.36 20.47 0.37
C PRO B 146 3.98 19.90 0.64
N GLY B 147 3.75 18.62 0.30
CA GLY B 147 2.48 18.01 0.66
C GLY B 147 2.63 17.36 2.06
N VAL B 148 1.73 17.68 2.99
CA VAL B 148 1.90 17.22 4.39
C VAL B 148 0.86 16.12 4.66
N VAL B 149 1.34 14.95 5.13
CA VAL B 149 0.55 13.75 5.40
C VAL B 149 0.57 13.42 6.90
N LEU B 150 -0.59 13.05 7.44
CA LEU B 150 -0.69 12.70 8.86
C LEU B 150 -1.43 11.38 9.01
N VAL B 151 -0.76 10.31 9.44
CA VAL B 151 -1.48 9.02 9.57
C VAL B 151 -1.06 8.32 10.87
N THR B 152 -1.72 7.21 11.18
CA THR B 152 -1.53 6.59 12.46
C THR B 152 -0.42 5.52 12.37
N SER B 153 -0.16 4.82 13.49
CA SER B 153 0.86 3.76 13.56
C SER B 153 0.47 2.55 12.71
N GLY B 154 1.38 1.61 12.56
CA GLY B 154 1.01 0.29 12.08
C GLY B 154 0.54 0.39 10.64
N PRO B 155 -0.71 -0.03 10.38
CA PRO B 155 -1.13 -0.07 8.97
C PRO B 155 -1.32 1.33 8.38
N GLY B 156 -1.54 2.32 9.25
CA GLY B 156 -1.63 3.69 8.75
C GLY B 156 -0.33 4.08 8.03
N ALA B 157 0.78 3.76 8.67
CA ALA B 157 2.09 4.04 8.16
C ALA B 157 2.42 3.13 6.99
N THR B 158 2.19 1.83 7.11
CA THR B 158 2.58 0.97 5.97
C THR B 158 1.77 1.33 4.71
N ASN B 159 0.57 1.89 4.91
CA ASN B 159 -0.33 2.27 3.80
C ASN B 159 0.21 3.50 3.05
N VAL B 160 1.21 4.21 3.56
CA VAL B 160 1.74 5.33 2.75
C VAL B 160 3.10 5.05 2.18
N VAL B 161 3.50 3.79 2.19
CA VAL B 161 4.82 3.45 1.61
C VAL B 161 4.79 3.67 0.10
N THR B 162 3.71 3.25 -0.57
CA THR B 162 3.72 3.41 -2.03
C THR B 162 3.79 4.92 -2.44
N PRO B 163 2.98 5.80 -1.82
CA PRO B 163 3.18 7.25 -2.09
C PRO B 163 4.57 7.81 -1.77
N MET B 164 5.18 7.42 -0.65
CA MET B 164 6.58 7.81 -0.44
C MET B 164 7.53 7.29 -1.53
N ALA B 165 7.46 6.01 -1.88
CA ALA B 165 8.33 5.51 -2.95
C ALA B 165 8.08 6.32 -4.24
N ASP B 166 6.80 6.63 -4.47
CA ASP B 166 6.44 7.43 -5.67
C ASP B 166 7.04 8.84 -5.63
N ALA B 167 6.86 9.52 -4.50
CA ALA B 167 7.42 10.87 -4.33
C ALA B 167 8.96 10.86 -4.45
N PHE B 168 9.56 9.81 -3.91
CA PHE B 168 11.01 9.66 -3.90
C PHE B 168 11.50 9.51 -5.33
N ALA B 169 10.84 8.68 -6.11
CA ALA B 169 11.28 8.48 -7.51
C ALA B 169 11.10 9.76 -8.37
N ASP B 170 10.05 10.52 -8.10
CA ASP B 170 9.76 11.73 -8.87
C ASP B 170 10.23 13.04 -8.25
N GLY B 171 10.96 12.97 -7.16
CA GLY B 171 11.45 14.14 -6.50
C GLY B 171 10.38 15.12 -6.08
N ILE B 172 9.41 14.64 -5.33
CA ILE B 172 8.31 15.44 -4.88
C ILE B 172 8.41 15.72 -3.40
N PRO B 173 8.29 17.04 -3.03
CA PRO B 173 8.43 17.30 -1.60
C PRO B 173 7.23 16.86 -0.79
N MET B 174 7.44 16.02 0.18
CA MET B 174 6.36 15.51 0.98
C MET B 174 6.84 15.29 2.41
N VAL B 175 6.05 15.71 3.37
CA VAL B 175 6.42 15.51 4.74
C VAL B 175 5.39 14.61 5.38
N VAL B 176 5.82 13.42 5.71
CA VAL B 176 4.97 12.42 6.29
C VAL B 176 5.14 12.24 7.77
N PHE B 177 4.08 12.44 8.51
CA PHE B 177 4.07 12.25 9.94
C PHE B 177 3.29 10.98 10.31
N THR B 178 3.95 10.03 10.97
CA THR B 178 3.27 8.80 11.36
C THR B 178 3.21 8.74 12.90
N GLY B 179 2.01 8.50 13.44
CA GLY B 179 1.89 8.23 14.89
C GLY B 179 2.62 6.91 15.19
N GLN B 180 3.10 6.71 16.42
CA GLN B 180 3.87 5.52 16.75
C GLN B 180 3.44 5.11 18.16
N VAL B 181 3.66 3.86 18.52
CA VAL B 181 3.46 3.45 19.91
C VAL B 181 4.39 4.28 20.82
N PRO B 182 4.10 4.34 22.13
CA PRO B 182 4.92 5.14 23.04
C PRO B 182 6.40 4.73 23.06
N THR B 183 7.33 5.66 23.37
CA THR B 183 8.76 5.35 23.34
C THR B 183 9.07 4.14 24.22
N SER B 184 8.36 4.01 25.35
CA SER B 184 8.61 2.88 26.27
C SER B 184 8.20 1.53 25.68
N ALA B 185 7.41 1.55 24.60
CA ALA B 185 6.91 0.30 24.04
C ALA B 185 7.73 -0.14 22.84
N ILE B 186 8.60 0.74 22.34
CA ILE B 186 9.35 0.41 21.14
C ILE B 186 10.19 -0.85 21.46
N GLY B 187 10.16 -1.85 20.57
CA GLY B 187 10.87 -3.10 20.80
C GLY B 187 10.23 -4.08 21.76
N THR B 188 8.93 -3.98 22.00
CA THR B 188 8.20 -4.99 22.77
C THR B 188 7.18 -5.77 21.87
N ASP B 189 7.30 -5.58 20.56
CA ASP B 189 6.26 -5.95 19.57
C ASP B 189 4.83 -5.63 20.05
N ALA B 190 4.64 -4.35 20.38
CA ALA B 190 3.36 -3.85 20.86
C ALA B 190 2.40 -3.79 19.70
N PHE B 191 1.13 -3.67 20.01
CA PHE B 191 0.10 -3.54 19.00
C PHE B 191 0.41 -2.35 18.07
N GLN B 192 0.55 -2.63 16.78
CA GLN B 192 0.87 -1.66 15.71
C GLN B 192 2.23 -0.97 15.82
N GLU B 193 3.17 -1.58 16.51
CA GLU B 193 4.56 -1.12 16.47
C GLU B 193 5.10 -1.63 15.15
N ALA B 194 5.23 -0.77 14.13
CA ALA B 194 6.02 -1.09 12.92
C ALA B 194 7.35 -0.30 12.95
N ASP B 195 8.39 -0.88 12.35
CA ASP B 195 9.68 -0.20 12.27
C ASP B 195 9.59 0.70 11.05
N VAL B 196 8.87 1.83 11.19
CA VAL B 196 8.58 2.62 9.97
C VAL B 196 9.84 3.40 9.52
N VAL B 197 10.73 3.79 10.44
CA VAL B 197 11.96 4.43 9.97
C VAL B 197 12.79 3.42 9.18
N GLY B 198 12.75 2.16 9.57
CA GLY B 198 13.43 1.09 8.83
C GLY B 198 12.73 0.84 7.51
N ILE B 199 11.43 0.66 7.54
CA ILE B 199 10.71 0.40 6.28
C ILE B 199 10.92 1.51 5.26
N SER B 200 10.84 2.76 5.75
CA SER B 200 10.81 3.92 4.81
C SER B 200 12.22 4.43 4.50
N ARG B 201 13.23 3.76 5.05
CA ARG B 201 14.58 4.31 4.83
C ARG B 201 14.98 4.42 3.35
N SER B 202 14.67 3.45 2.51
CA SER B 202 15.17 3.58 1.12
C SER B 202 14.21 4.41 0.27
N CYS B 203 13.08 4.83 0.81
CA CYS B 203 12.21 5.66 -0.01
C CYS B 203 11.89 7.01 0.62
N THR B 204 12.81 7.51 1.43
CA THR B 204 12.74 8.90 1.95
C THR B 204 14.10 9.55 1.79
N LYS B 205 14.17 10.87 1.67
CA LYS B 205 15.52 11.51 1.67
C LYS B 205 16.15 11.36 3.08
N TRP B 206 15.27 11.32 4.09
CA TRP B 206 15.71 11.33 5.48
C TRP B 206 14.53 10.97 6.33
N ASN B 207 14.77 10.39 7.51
CA ASN B 207 13.68 10.19 8.45
C ASN B 207 14.23 10.14 9.86
N VAL B 208 13.32 10.11 10.83
CA VAL B 208 13.70 10.23 12.24
C VAL B 208 12.50 9.82 13.11
N MET B 209 12.78 9.26 14.28
CA MET B 209 11.76 9.05 15.30
C MET B 209 11.96 10.10 16.37
N VAL B 210 10.95 10.91 16.61
CA VAL B 210 11.08 11.94 17.67
C VAL B 210 11.06 11.32 19.05
N LYS B 211 12.05 11.60 19.88
CA LYS B 211 12.13 10.89 21.16
C LYS B 211 11.63 11.68 22.36
N SER B 212 11.41 12.97 22.20
CA SER B 212 10.92 13.76 23.35
C SER B 212 10.20 15.00 22.80
N VAL B 213 9.35 15.65 23.60
CA VAL B 213 8.58 16.75 23.05
C VAL B 213 9.53 17.93 22.80
N GLU B 214 10.60 18.04 23.59
CA GLU B 214 11.63 19.07 23.38
C GLU B 214 12.20 19.11 21.96
N GLU B 215 12.27 17.93 21.37
CA GLU B 215 12.90 17.66 20.09
C GLU B 215 11.91 17.88 18.96
N LEU B 216 10.63 18.06 19.27
CA LEU B 216 9.64 18.03 18.18
C LEU B 216 9.77 19.22 17.17
N PRO B 217 9.90 20.48 17.64
CA PRO B 217 10.09 21.56 16.65
C PRO B 217 11.32 21.32 15.78
N LEU B 218 12.40 20.87 16.41
CA LEU B 218 13.65 20.57 15.67
C LEU B 218 13.44 19.65 14.51
N ARG B 219 12.79 18.53 14.79
CA ARG B 219 12.65 17.54 13.73
C ARG B 219 11.67 18.02 12.66
N ILE B 220 10.66 18.78 13.04
CA ILE B 220 9.72 19.31 12.04
C ILE B 220 10.46 20.31 11.11
N ASN B 221 11.26 21.21 11.68
CA ASN B 221 12.01 22.15 10.84
C ASN B 221 13.00 21.44 9.92
N GLU B 222 13.69 20.40 10.42
CA GLU B 222 14.64 19.65 9.59
C GLU B 222 13.87 18.95 8.44
N ALA B 223 12.73 18.36 8.76
CA ALA B 223 11.96 17.62 7.75
C ALA B 223 11.54 18.55 6.60
N PHE B 224 11.03 19.75 6.92
CA PHE B 224 10.62 20.63 5.82
C PHE B 224 11.78 21.17 5.02
N GLU B 225 12.90 21.46 5.70
CA GLU B 225 14.05 21.96 4.99
C GLU B 225 14.62 20.88 4.05
N ILE B 226 14.74 19.65 4.54
CA ILE B 226 15.30 18.59 3.69
C ILE B 226 14.37 18.21 2.52
N ALA B 227 13.07 18.15 2.80
CA ALA B 227 12.10 17.80 1.78
C ALA B 227 12.12 18.79 0.62
N THR B 228 12.46 20.05 0.89
CA THR B 228 12.31 21.08 -0.13
C THR B 228 13.64 21.57 -0.67
N SER B 229 14.75 21.03 -0.23
CA SER B 229 15.99 21.52 -0.81
C SER B 229 16.67 20.44 -1.67
N GLY B 230 17.76 20.85 -2.32
CA GLY B 230 18.45 19.95 -3.23
C GLY B 230 17.46 19.47 -4.27
N ARG B 231 17.49 18.17 -4.57
CA ARG B 231 16.36 17.61 -5.31
C ARG B 231 15.28 17.31 -4.29
N PRO B 232 14.07 17.91 -4.46
CA PRO B 232 13.02 17.73 -3.47
C PRO B 232 12.64 16.25 -3.31
N GLY B 233 12.07 15.90 -2.18
CA GLY B 233 11.62 14.54 -2.00
C GLY B 233 10.92 14.34 -0.65
N PRO B 234 10.50 13.12 -0.38
CA PRO B 234 9.76 12.75 0.84
C PRO B 234 10.67 12.56 2.04
N VAL B 235 10.19 13.00 3.22
CA VAL B 235 10.83 12.65 4.46
C VAL B 235 9.75 12.10 5.40
N LEU B 236 10.16 11.36 6.44
CA LEU B 236 9.17 10.81 7.37
C LEU B 236 9.58 11.16 8.80
N VAL B 237 8.63 11.58 9.64
CA VAL B 237 8.90 11.92 11.04
C VAL B 237 7.94 11.07 11.88
N ASP B 238 8.53 10.13 12.60
CA ASP B 238 7.77 9.14 13.40
C ASP B 238 7.48 9.76 14.77
N LEU B 239 6.22 9.69 15.21
CA LEU B 239 5.73 10.44 16.38
C LEU B 239 5.13 9.54 17.45
N PRO B 240 5.95 9.09 18.41
CA PRO B 240 5.40 8.32 19.52
C PRO B 240 4.31 9.06 20.26
N LYS B 241 3.25 8.33 20.57
CA LYS B 241 2.05 8.90 21.19
C LYS B 241 2.37 9.62 22.53
N ASP B 242 3.33 9.10 23.32
CA ASP B 242 3.65 9.76 24.60
C ASP B 242 4.35 11.11 24.36
N VAL B 243 5.08 11.21 23.26
CA VAL B 243 5.76 12.45 22.90
C VAL B 243 4.75 13.51 22.46
N THR B 244 3.78 13.16 21.62
CA THR B 244 2.87 14.19 21.16
C THR B 244 1.82 14.52 22.23
N ALA B 245 1.52 13.58 23.13
CA ALA B 245 0.66 13.91 24.26
C ALA B 245 1.34 14.70 25.38
N ALA B 246 2.68 14.70 25.43
CA ALA B 246 3.41 15.30 26.55
C ALA B 246 3.28 16.81 26.47
N ILE B 247 3.42 17.48 27.60
CA ILE B 247 3.46 18.93 27.68
C ILE B 247 4.92 19.39 27.82
N LEU B 248 5.32 20.39 27.05
CA LEU B 248 6.69 20.91 27.14
C LEU B 248 6.83 21.70 28.44
N ARG B 249 7.80 21.31 29.28
CA ARG B 249 7.96 21.94 30.58
C ARG B 249 9.11 22.93 30.60
N ASN B 250 10.12 22.66 29.78
CA ASN B 250 11.32 23.51 29.78
C ASN B 250 11.58 24.28 28.47
N PRO B 251 12.24 25.42 28.58
CA PRO B 251 12.72 26.13 27.39
C PRO B 251 13.63 25.27 26.51
N ILE B 252 13.55 25.57 25.21
CA ILE B 252 14.39 24.88 24.25
C ILE B 252 15.10 25.93 23.43
N PRO B 253 16.22 25.56 22.78
CA PRO B 253 16.99 26.58 22.08
C PRO B 253 16.23 27.17 20.92
N THR B 254 16.30 28.48 20.78
CA THR B 254 15.65 29.16 19.67
C THR B 254 16.11 28.64 18.31
N LYS B 255 17.40 28.28 18.19
CA LYS B 255 17.91 27.73 16.90
C LYS B 255 17.03 26.55 16.45
N THR B 256 16.47 25.80 17.39
CA THR B 256 15.72 24.59 17.05
C THR B 256 14.25 24.86 16.74
N THR B 257 13.75 26.07 17.05
CA THR B 257 12.32 26.34 16.81
C THR B 257 12.08 27.22 15.57
N LEU B 258 13.12 27.91 15.10
CA LEU B 258 13.03 28.74 13.90
C LEU B 258 13.28 28.00 12.61
N PRO B 259 12.34 28.05 11.69
CA PRO B 259 12.56 27.41 10.39
C PRO B 259 13.79 27.97 9.69
N SER B 260 14.37 27.14 8.84
CA SER B 260 15.66 27.43 8.24
C SER B 260 15.61 28.47 7.09
N ASN B 261 16.15 28.10 5.94
CA ASN B 261 16.48 29.07 4.90
C ASN B 261 16.87 28.32 3.61
N ALA B 262 16.14 28.58 2.53
CA ALA B 262 16.56 28.09 1.20
C ALA B 262 17.85 28.85 0.83
N LEU B 263 17.70 29.88 0.01
CA LEU B 263 18.77 30.88 -0.15
C LEU B 263 18.63 31.84 1.03
N ASN B 264 18.20 33.08 0.78
CA ASN B 264 18.08 34.11 1.83
C ASN B 264 19.40 34.23 2.59
N GLN B 265 20.48 33.82 1.93
CA GLN B 265 21.73 33.40 2.56
C GLN B 265 22.91 34.23 2.15
N LEU B 266 24.08 33.78 2.59
CA LEU B 266 25.36 34.34 2.22
C LEU B 266 26.27 33.23 1.65
N THR B 267 27.17 33.60 0.75
CA THR B 267 28.09 32.62 0.15
C THR B 267 29.48 33.28 0.09
N SER B 268 30.54 32.46 0.12
CA SER B 268 31.91 33.00 0.13
C SER B 268 32.40 33.34 -1.28
N ARG B 269 33.49 34.11 -1.36
CA ARG B 269 34.15 34.39 -2.62
C ARG B 269 34.43 33.08 -3.37
N ALA B 270 34.83 32.06 -2.62
CA ALA B 270 35.17 30.75 -3.16
C ALA B 270 33.97 30.10 -3.83
N GLN B 271 32.85 30.08 -3.14
CA GLN B 271 31.62 29.47 -3.65
C GLN B 271 31.15 30.17 -4.93
N ASP B 272 31.05 31.50 -4.87
CA ASP B 272 30.72 32.34 -6.04
C ASP B 272 31.58 32.02 -7.26
N GLU B 273 32.90 32.10 -7.10
CA GLU B 273 33.84 31.84 -8.19
C GLU B 273 33.64 30.46 -8.78
N PHE B 274 33.35 29.47 -7.94
CA PHE B 274 33.22 28.11 -8.41
C PHE B 274 32.08 28.00 -9.41
N VAL B 275 30.90 28.49 -9.02
CA VAL B 275 29.72 28.43 -9.88
C VAL B 275 29.89 29.33 -11.10
N MET B 276 30.39 30.54 -10.87
CA MET B 276 30.48 31.54 -11.92
C MET B 276 31.42 31.11 -13.07
N GLN B 277 32.33 30.19 -12.76
CA GLN B 277 33.31 29.73 -13.76
C GLN B 277 32.74 28.66 -14.68
N SER B 278 32.01 27.71 -14.11
CA SER B 278 31.30 26.74 -14.92
C SER B 278 30.21 27.43 -15.74
N ILE B 279 29.72 28.54 -15.22
CA ILE B 279 28.71 29.36 -15.86
C ILE B 279 29.26 30.20 -17.01
N ASN B 280 30.47 30.70 -16.89
CA ASN B 280 31.02 31.54 -17.95
C ASN B 280 31.30 30.64 -19.11
N LYS B 281 31.73 29.42 -18.81
CA LYS B 281 31.89 28.46 -19.87
C LYS B 281 30.42 28.13 -20.15
N ALA B 282 30.17 27.27 -21.10
CA ALA B 282 28.80 26.95 -21.41
C ALA B 282 28.20 28.23 -21.95
N ALA B 283 28.30 29.32 -21.22
CA ALA B 283 27.80 30.58 -21.72
C ALA B 283 28.57 30.91 -23.00
N ASP B 284 29.86 30.68 -22.97
CA ASP B 284 30.69 30.94 -24.12
C ASP B 284 30.42 29.79 -25.05
N LEU B 285 30.40 28.59 -24.49
CA LEU B 285 30.20 27.42 -25.33
C LEU B 285 28.89 27.42 -26.08
N ILE B 286 28.00 28.31 -25.70
CA ILE B 286 26.70 28.35 -26.33
C ILE B 286 26.65 29.48 -27.33
N ASN B 287 27.16 30.63 -26.93
CA ASN B 287 27.18 31.81 -27.77
C ASN B 287 27.82 31.41 -29.11
N LEU B 288 28.52 30.29 -29.08
CA LEU B 288 29.10 29.73 -30.26
C LEU B 288 27.94 29.27 -31.12
N ALA B 289 26.85 28.86 -30.50
CA ALA B 289 25.70 28.40 -31.25
C ALA B 289 26.02 27.14 -32.04
N LYS B 290 25.33 26.97 -33.15
CA LYS B 290 25.39 25.85 -34.09
C LYS B 290 23.98 25.31 -34.12
N LYS B 291 23.84 24.00 -33.91
CA LYS B 291 22.56 23.32 -33.87
C LYS B 291 22.34 22.91 -32.42
N PRO B 292 21.98 23.93 -31.56
CA PRO B 292 21.80 23.52 -30.18
C PRO B 292 20.37 23.13 -29.85
N VAL B 293 20.21 22.41 -28.75
CA VAL B 293 18.93 21.94 -28.29
C VAL B 293 18.78 21.93 -26.78
N LEU B 294 17.86 22.71 -26.27
CA LEU B 294 17.46 22.62 -24.86
C LEU B 294 16.69 21.33 -24.62
N TYR B 295 17.26 20.50 -23.75
CA TYR B 295 16.65 19.28 -23.29
C TYR B 295 16.29 19.51 -21.80
N VAL B 296 14.99 19.70 -21.55
CA VAL B 296 14.50 20.26 -20.28
C VAL B 296 13.63 19.27 -19.50
N GLY B 297 13.82 19.19 -18.20
CA GLY B 297 13.08 18.21 -17.41
C GLY B 297 12.44 18.84 -16.22
N ALA B 298 11.99 17.98 -15.29
CA ALA B 298 11.28 18.41 -14.11
C ALA B 298 11.99 19.53 -13.31
N GLY B 299 13.31 19.55 -13.35
CA GLY B 299 14.07 20.51 -12.54
C GLY B 299 13.75 21.98 -12.83
N ILE B 300 13.42 22.30 -14.09
CA ILE B 300 13.12 23.67 -14.45
C ILE B 300 11.85 24.12 -13.76
N LEU B 301 11.04 23.15 -13.34
CA LEU B 301 9.76 23.41 -12.70
C LEU B 301 9.92 23.60 -11.20
N ASN B 302 11.13 23.38 -10.67
CA ASN B 302 11.30 23.45 -9.20
C ASN B 302 11.67 24.84 -8.65
N HIS B 303 11.57 25.86 -9.50
CA HIS B 303 11.72 27.25 -9.10
C HIS B 303 10.64 28.02 -9.85
N ALA B 304 9.90 28.90 -9.15
CA ALA B 304 8.83 29.70 -9.79
C ALA B 304 9.23 30.35 -11.12
N ASP B 305 10.51 30.70 -11.28
CA ASP B 305 10.93 31.45 -12.44
C ASP B 305 11.66 30.65 -13.51
N GLY B 306 11.65 29.33 -13.34
CA GLY B 306 12.27 28.44 -14.31
C GLY B 306 11.75 28.57 -15.73
N PRO B 307 10.43 28.43 -15.92
CA PRO B 307 9.87 28.54 -17.27
C PRO B 307 10.12 29.89 -17.95
N ARG B 308 9.95 30.97 -17.18
CA ARG B 308 10.20 32.31 -17.72
C ARG B 308 11.62 32.42 -18.25
N LEU B 309 12.58 32.01 -17.44
CA LEU B 309 13.98 32.16 -17.87
C LEU B 309 14.32 31.16 -18.97
N LEU B 310 13.65 30.01 -19.00
CA LEU B 310 13.77 29.07 -20.13
C LEU B 310 13.31 29.74 -21.42
N LYS B 311 12.13 30.36 -21.35
CA LYS B 311 11.57 31.07 -22.50
C LYS B 311 12.52 32.18 -22.93
N GLU B 312 12.90 33.01 -21.97
CA GLU B 312 13.81 34.10 -22.25
C GLU B 312 15.05 33.62 -23.01
N LEU B 313 15.65 32.52 -22.54
CA LEU B 313 16.87 32.01 -23.17
C LEU B 313 16.60 31.45 -24.56
N SER B 314 15.53 30.64 -24.67
CA SER B 314 15.08 30.15 -25.97
C SER B 314 14.98 31.28 -27.01
N ASP B 315 14.42 32.42 -26.58
CA ASP B 315 14.24 33.58 -27.41
C ASP B 315 15.57 34.23 -27.75
N ARG B 316 16.25 34.69 -26.71
CA ARG B 316 17.53 35.33 -26.85
C ARG B 316 18.37 34.67 -27.90
N ALA B 317 18.80 33.45 -27.64
CA ALA B 317 19.64 32.75 -28.57
C ALA B 317 18.88 31.89 -29.51
N GLN B 318 17.58 32.15 -29.60
CA GLN B 318 16.69 31.38 -30.45
C GLN B 318 17.04 29.91 -30.42
N ILE B 319 16.61 29.22 -29.36
CA ILE B 319 16.91 27.80 -29.23
C ILE B 319 15.64 26.99 -29.11
N PRO B 320 15.57 25.87 -29.82
CA PRO B 320 14.41 24.98 -29.79
C PRO B 320 14.39 24.13 -28.49
N VAL B 321 13.21 23.89 -27.96
CA VAL B 321 13.12 23.25 -26.67
C VAL B 321 12.39 21.93 -26.78
N THR B 322 13.00 20.87 -26.28
CA THR B 322 12.30 19.61 -26.09
C THR B 322 12.23 19.29 -24.58
N THR B 323 11.18 18.59 -24.15
CA THR B 323 11.05 18.24 -22.73
C THR B 323 10.88 16.74 -22.52
N THR B 324 11.26 16.30 -21.33
CA THR B 324 10.92 14.98 -20.84
C THR B 324 9.41 14.94 -20.58
N LEU B 325 8.92 13.74 -20.33
CA LEU B 325 7.58 13.56 -19.78
C LEU B 325 7.37 14.50 -18.57
N GLN B 326 8.35 14.58 -17.66
CA GLN B 326 8.17 15.37 -16.44
C GLN B 326 8.46 16.86 -16.62
N GLY B 327 8.95 17.27 -17.80
CA GLY B 327 9.08 18.68 -18.08
C GLY B 327 7.94 19.23 -18.90
N LEU B 328 7.00 18.38 -19.28
CA LEU B 328 5.89 18.88 -20.09
C LEU B 328 5.19 20.01 -19.34
N GLY B 329 4.86 21.06 -20.08
CA GLY B 329 4.29 22.28 -19.53
C GLY B 329 5.32 23.37 -19.23
N SER B 330 6.60 23.02 -19.20
CA SER B 330 7.59 24.04 -18.89
C SER B 330 7.83 24.96 -20.09
N PHE B 331 7.40 24.51 -21.25
CA PHE B 331 7.54 25.34 -22.45
C PHE B 331 6.27 25.27 -23.29
N ASP B 332 5.88 26.37 -23.88
CA ASP B 332 4.65 26.42 -24.64
C ASP B 332 4.82 25.63 -25.95
N GLN B 333 4.03 24.56 -26.10
CA GLN B 333 4.16 23.69 -27.26
C GLN B 333 3.67 24.34 -28.54
N GLU B 334 3.01 25.50 -28.40
CA GLU B 334 2.60 26.35 -29.54
C GLU B 334 3.74 27.17 -30.09
N ASP B 335 4.64 27.63 -29.21
CA ASP B 335 5.81 28.40 -29.64
C ASP B 335 6.47 27.70 -30.81
N PRO B 336 6.92 28.48 -31.82
CA PRO B 336 7.50 27.88 -33.02
C PRO B 336 8.70 27.00 -32.73
N LYS B 337 9.47 27.32 -31.69
CA LYS B 337 10.67 26.54 -31.38
C LYS B 337 10.45 25.38 -30.40
N SER B 338 9.20 25.00 -30.16
CA SER B 338 8.94 23.79 -29.34
C SER B 338 9.14 22.51 -30.14
N LEU B 339 9.93 21.59 -29.61
CA LEU B 339 10.15 20.28 -30.22
C LEU B 339 9.20 19.25 -29.64
N ASP B 340 8.45 19.66 -28.62
CA ASP B 340 7.62 18.79 -27.78
C ASP B 340 8.47 17.72 -27.06
N MET B 341 7.90 16.53 -26.83
CA MET B 341 8.50 15.52 -25.94
C MET B 341 9.49 14.59 -26.65
N LEU B 342 10.55 14.15 -25.95
CA LEU B 342 11.42 13.16 -26.58
C LEU B 342 11.43 11.78 -25.91
N GLY B 343 12.16 10.86 -26.55
CA GLY B 343 12.31 9.51 -26.01
C GLY B 343 11.51 8.45 -26.74
N MET B 344 11.39 7.30 -26.09
CA MET B 344 10.73 6.14 -26.65
C MET B 344 9.30 6.46 -27.14
N HIS B 345 8.52 7.18 -26.33
CA HIS B 345 7.17 7.58 -26.76
C HIS B 345 7.08 9.04 -27.20
N GLY B 346 8.22 9.69 -27.41
CA GLY B 346 8.24 11.08 -27.84
C GLY B 346 8.11 11.21 -29.34
N CYS B 347 8.13 12.43 -29.87
CA CYS B 347 7.91 12.55 -31.31
C CYS B 347 9.26 12.55 -32.07
N ALA B 348 9.19 12.22 -33.37
CA ALA B 348 10.40 11.98 -34.17
C ALA B 348 11.33 13.18 -34.21
N THR B 349 10.73 14.34 -34.48
CA THR B 349 11.43 15.60 -34.61
C THR B 349 12.28 15.91 -33.37
N ALA B 350 11.78 15.63 -32.17
CA ALA B 350 12.55 15.90 -30.96
C ALA B 350 13.76 14.98 -30.89
N ASN B 351 13.51 13.68 -31.05
CA ASN B 351 14.58 12.70 -31.04
C ASN B 351 15.61 12.97 -32.13
N LEU B 352 15.14 13.33 -33.33
CA LEU B 352 16.05 13.69 -34.43
C LEU B 352 16.87 14.92 -34.10
N ALA B 353 16.19 15.97 -33.64
CA ALA B 353 16.85 17.21 -33.27
C ALA B 353 17.86 16.98 -32.15
N VAL B 354 17.59 16.06 -31.25
CA VAL B 354 18.63 15.61 -30.32
C VAL B 354 19.51 14.68 -31.17
N GLN B 355 19.66 13.40 -30.80
CA GLN B 355 20.45 12.40 -31.54
C GLN B 355 20.71 12.85 -32.96
N ASN B 356 21.96 13.20 -33.27
CA ASN B 356 22.34 14.12 -34.34
C ASN B 356 22.33 15.52 -33.68
N ALA B 357 22.55 15.49 -32.37
CA ALA B 357 22.54 16.70 -31.54
C ALA B 357 23.57 17.73 -31.98
N ASP B 358 24.66 17.88 -31.22
CA ASP B 358 25.68 18.89 -31.41
C ASP B 358 26.14 19.39 -30.01
N LEU B 359 25.30 20.24 -29.42
CA LEU B 359 25.34 20.86 -28.11
C LEU B 359 23.94 20.70 -27.52
N ILE B 360 23.82 19.84 -26.52
CA ILE B 360 22.54 19.76 -25.86
C ILE B 360 22.74 20.31 -24.47
N ILE B 361 21.92 21.30 -24.17
CA ILE B 361 21.92 21.94 -22.88
C ILE B 361 20.83 21.28 -22.03
N ALA B 362 21.26 20.34 -21.18
CA ALA B 362 20.35 19.56 -20.33
C ALA B 362 20.04 20.40 -19.11
N VAL B 363 18.75 20.68 -18.91
CA VAL B 363 18.30 21.54 -17.85
C VAL B 363 17.33 20.80 -16.92
N GLY B 364 17.82 20.41 -15.75
CA GLY B 364 16.99 19.74 -14.76
C GLY B 364 16.32 18.48 -15.27
N ALA B 365 17.10 17.61 -15.92
CA ALA B 365 16.66 16.34 -16.48
C ALA B 365 17.70 15.25 -16.21
N ARG B 366 17.31 13.98 -16.11
CA ARG B 366 18.31 13.00 -15.69
C ARG B 366 18.68 11.89 -16.67
N PHE B 367 18.40 12.09 -17.97
CA PHE B 367 18.84 11.13 -18.98
C PHE B 367 18.37 9.69 -18.67
N ASP B 368 17.10 9.56 -18.26
CA ASP B 368 16.49 8.24 -18.07
C ASP B 368 16.62 7.38 -19.35
N ASP B 369 16.56 6.05 -19.21
CA ASP B 369 16.77 5.14 -20.34
C ASP B 369 15.82 5.40 -21.51
N ARG B 370 14.53 5.40 -21.19
CA ARG B 370 13.47 5.73 -22.14
C ARG B 370 13.59 7.05 -22.86
N VAL B 371 14.55 7.84 -22.44
CA VAL B 371 14.78 9.07 -23.09
C VAL B 371 16.01 8.92 -23.97
N THR B 372 17.05 8.30 -23.44
CA THR B 372 18.32 8.16 -24.14
C THR B 372 18.36 7.00 -25.12
N GLY B 373 18.31 5.80 -24.57
CA GLY B 373 18.34 4.62 -25.40
C GLY B 373 19.32 3.52 -25.05
N ASN B 374 20.33 3.21 -25.86
CA ASN B 374 20.68 3.90 -27.09
C ASN B 374 21.87 4.83 -26.82
N ILE B 375 22.50 4.58 -25.69
CA ILE B 375 23.64 5.29 -25.17
C ILE B 375 24.54 5.86 -26.25
N SER B 376 25.58 5.09 -26.56
CA SER B 376 26.56 5.38 -27.57
C SER B 376 25.92 6.02 -28.75
N LYS B 377 24.72 5.55 -29.07
CA LYS B 377 24.00 6.06 -30.21
C LYS B 377 23.39 7.40 -29.92
N PHE B 378 23.43 7.81 -28.67
CA PHE B 378 22.84 9.06 -28.25
C PHE B 378 23.58 10.35 -28.55
N ALA B 379 22.91 11.26 -29.24
CA ALA B 379 23.45 12.57 -29.59
C ALA B 379 24.84 12.61 -30.25
N PRO B 380 25.23 11.45 -30.93
CA PRO B 380 26.57 11.48 -31.55
C PRO B 380 27.00 12.76 -32.23
N GLU B 381 26.10 13.45 -32.89
CA GLU B 381 26.46 14.70 -33.52
C GLU B 381 26.82 15.73 -32.47
N ALA B 382 26.68 15.33 -31.22
CA ALA B 382 27.04 16.21 -30.14
C ALA B 382 28.29 15.60 -29.55
N ARG B 383 28.31 14.27 -29.49
CA ARG B 383 29.44 13.54 -29.01
C ARG B 383 30.56 13.64 -30.04
N ARG B 384 30.43 14.62 -30.93
CA ARG B 384 31.39 14.88 -31.96
C ARG B 384 31.88 16.24 -31.63
N ALA B 385 30.99 17.21 -31.61
CA ALA B 385 31.39 18.57 -31.28
C ALA B 385 32.15 18.54 -29.98
N ALA B 386 31.98 17.46 -29.21
CA ALA B 386 32.81 17.33 -28.01
C ALA B 386 34.26 16.96 -28.35
N ALA B 387 34.42 15.94 -29.20
CA ALA B 387 35.74 15.52 -29.63
C ALA B 387 36.36 16.69 -30.33
N GLU B 388 35.68 17.18 -31.36
CA GLU B 388 36.17 18.32 -32.08
C GLU B 388 36.20 19.55 -31.19
N GLY B 389 35.90 19.34 -29.91
CA GLY B 389 35.91 20.41 -28.94
C GLY B 389 35.16 21.64 -29.38
N ARG B 390 34.01 21.41 -29.99
CA ARG B 390 33.14 22.49 -30.43
C ARG B 390 31.72 22.34 -29.86
N GLY B 391 31.49 21.29 -29.08
CA GLY B 391 30.17 21.08 -28.48
C GLY B 391 30.16 20.08 -27.36
N GLY B 392 29.11 19.25 -27.34
CA GLY B 392 28.88 18.20 -26.36
C GLY B 392 27.63 18.44 -25.55
N ILE B 393 27.74 18.11 -24.26
CA ILE B 393 26.60 18.16 -23.36
C ILE B 393 26.86 19.08 -22.15
N ILE B 394 26.02 20.09 -21.98
CA ILE B 394 26.06 20.91 -20.77
C ILE B 394 24.95 20.42 -19.85
N HIS B 395 25.24 20.28 -18.55
CA HIS B 395 24.25 19.71 -17.64
C HIS B 395 24.01 20.64 -16.46
N PHE B 396 22.84 21.29 -16.44
CA PHE B 396 22.44 22.07 -15.28
C PHE B 396 21.76 21.14 -14.30
N GLU B 397 22.50 20.70 -13.26
CA GLU B 397 22.01 19.68 -12.33
C GLU B 397 22.26 20.07 -10.87
N VAL B 398 21.25 19.84 -10.04
CA VAL B 398 21.29 20.22 -8.62
C VAL B 398 22.02 19.20 -7.74
N SER B 399 22.04 17.92 -8.12
CA SER B 399 22.69 16.89 -7.30
C SER B 399 23.96 16.42 -7.97
N PRO B 400 25.13 16.80 -7.42
CA PRO B 400 26.39 16.38 -8.05
C PRO B 400 26.46 14.86 -8.28
N LYS B 401 25.84 14.07 -7.39
CA LYS B 401 25.76 12.62 -7.54
C LYS B 401 25.24 12.19 -8.92
N ASN B 402 24.28 12.94 -9.47
CA ASN B 402 23.64 12.59 -10.73
C ASN B 402 24.43 13.10 -11.93
N ILE B 403 25.52 13.83 -11.68
CA ILE B 403 26.33 14.39 -12.75
C ILE B 403 27.38 13.40 -13.25
N ASN B 404 27.31 13.09 -14.55
CA ASN B 404 28.11 12.05 -15.18
C ASN B 404 27.76 10.65 -14.70
N LYS B 405 26.60 10.49 -14.06
CA LYS B 405 26.15 9.16 -13.59
C LYS B 405 25.62 8.32 -14.77
N VAL B 406 24.88 8.95 -15.67
CA VAL B 406 24.36 8.22 -16.82
C VAL B 406 25.13 8.59 -18.09
N VAL B 407 25.19 9.87 -18.41
CA VAL B 407 25.91 10.33 -19.60
C VAL B 407 27.10 11.19 -19.22
N GLN B 408 28.26 10.88 -19.76
CA GLN B 408 29.45 11.67 -19.45
C GLN B 408 29.35 13.02 -20.16
N THR B 409 29.43 14.07 -19.37
CA THR B 409 29.12 15.43 -19.79
C THR B 409 30.39 16.28 -19.92
N GLN B 410 30.33 17.29 -20.78
CA GLN B 410 31.50 18.15 -21.03
C GLN B 410 31.60 19.31 -20.04
N ILE B 411 30.46 19.87 -19.64
CA ILE B 411 30.45 20.92 -18.61
C ILE B 411 29.30 20.70 -17.63
N ALA B 412 29.60 20.69 -16.34
CA ALA B 412 28.54 20.62 -15.33
C ALA B 412 28.35 21.99 -14.67
N VAL B 413 27.11 22.45 -14.65
CA VAL B 413 26.76 23.59 -13.84
C VAL B 413 25.92 23.18 -12.60
N GLU B 414 26.58 23.10 -11.46
CA GLU B 414 25.94 22.61 -10.25
C GLU B 414 25.04 23.65 -9.61
N GLY B 415 23.91 23.20 -9.10
CA GLY B 415 23.01 24.06 -8.37
C GLY B 415 21.64 24.12 -8.97
N ASP B 416 20.84 25.05 -8.46
CA ASP B 416 19.50 25.25 -8.95
C ASP B 416 19.60 25.71 -10.39
N ALA B 417 18.87 25.03 -11.28
CA ALA B 417 18.97 25.31 -12.72
C ALA B 417 18.48 26.71 -13.09
N THR B 418 17.33 27.10 -12.57
CA THR B 418 16.79 28.44 -12.80
C THR B 418 17.76 29.56 -12.35
N THR B 419 18.29 29.45 -11.14
CA THR B 419 19.24 30.46 -10.63
C THR B 419 20.48 30.58 -11.54
N ASN B 420 21.00 29.44 -11.96
CA ASN B 420 22.14 29.44 -12.86
C ASN B 420 21.83 30.00 -14.25
N LEU B 421 20.62 29.79 -14.73
CA LEU B 421 20.21 30.36 -15.99
C LEU B 421 20.26 31.87 -15.88
N GLY B 422 19.65 32.39 -14.81
CA GLY B 422 19.63 33.80 -14.51
C GLY B 422 21.02 34.39 -14.58
N LYS B 423 21.92 33.84 -13.78
CA LYS B 423 23.34 34.26 -13.83
C LYS B 423 23.95 34.23 -15.23
N MET B 424 23.53 33.28 -16.06
CA MET B 424 24.20 33.04 -17.33
C MET B 424 23.63 33.91 -18.46
N MET B 425 22.42 34.41 -18.24
CA MET B 425 21.69 35.18 -19.22
C MET B 425 22.47 36.28 -19.94
N SER B 426 22.70 37.38 -19.25
CA SER B 426 23.46 38.52 -19.79
C SER B 426 24.63 38.03 -20.60
N LYS B 427 25.43 37.16 -20.04
CA LYS B 427 26.56 36.63 -20.75
C LYS B 427 26.17 35.93 -22.01
N ILE B 428 24.91 36.01 -22.40
CA ILE B 428 24.48 35.31 -23.60
C ILE B 428 24.21 36.18 -24.83
N PHE B 429 24.90 35.85 -25.91
CA PHE B 429 24.80 36.60 -27.17
C PHE B 429 23.58 36.40 -28.03
N PRO B 430 22.71 37.49 -27.98
CA PRO B 430 21.49 37.39 -28.78
C PRO B 430 21.69 36.81 -30.17
N VAL B 431 20.67 36.18 -30.73
CA VAL B 431 20.78 35.58 -32.05
C VAL B 431 19.68 36.03 -32.97
N LYS B 432 20.02 36.12 -34.24
CA LYS B 432 19.10 36.55 -35.27
C LYS B 432 18.02 35.53 -35.52
N GLU B 433 18.44 34.37 -35.97
CA GLU B 433 17.53 33.31 -36.29
C GLU B 433 18.46 32.23 -36.72
N ARG B 434 17.97 31.01 -36.93
CA ARG B 434 18.88 29.94 -37.33
C ARG B 434 18.26 29.02 -38.35
N SER B 435 17.71 29.54 -39.43
CA SER B 435 16.75 28.71 -40.15
C SER B 435 17.42 27.69 -41.06
N GLU B 436 18.75 27.73 -41.16
CA GLU B 436 19.46 26.58 -41.66
C GLU B 436 19.01 25.39 -40.85
N TRP B 437 18.77 25.64 -39.55
CA TRP B 437 18.30 24.63 -38.57
C TRP B 437 16.81 24.65 -38.34
N PHE B 438 16.32 25.82 -38.02
CA PHE B 438 14.86 25.98 -37.91
C PHE B 438 14.12 25.30 -39.06
N ALA B 439 14.30 25.80 -40.29
CA ALA B 439 13.56 25.29 -41.43
C ALA B 439 13.78 23.79 -41.63
N GLN B 440 14.90 23.31 -41.12
CA GLN B 440 15.20 21.89 -41.07
C GLN B 440 14.38 21.16 -39.98
N ILE B 441 14.26 21.76 -38.79
CA ILE B 441 13.34 21.23 -37.77
C ILE B 441 11.91 21.25 -38.30
N ASN B 442 11.55 22.41 -38.82
CA ASN B 442 10.29 22.59 -39.52
C ASN B 442 10.18 21.73 -40.77
N LYS B 443 11.02 20.71 -40.86
CA LYS B 443 11.00 19.81 -42.02
C LYS B 443 10.72 18.42 -41.47
N TRP B 444 11.41 18.10 -40.39
CA TRP B 444 11.16 16.87 -39.64
C TRP B 444 9.67 16.68 -39.31
N LYS B 445 9.05 17.76 -38.85
CA LYS B 445 7.68 17.74 -38.37
C LYS B 445 6.65 17.25 -39.41
N LYS B 446 6.81 17.73 -40.64
CA LYS B 446 5.82 17.51 -41.69
C LYS B 446 5.98 16.09 -42.15
N GLU B 447 7.23 15.70 -42.23
CA GLU B 447 7.63 14.41 -42.74
C GLU B 447 7.37 13.36 -41.65
N TYR B 448 7.38 13.79 -40.38
CA TYR B 448 7.14 12.87 -39.26
C TYR B 448 6.17 13.36 -38.18
N PRO B 449 4.85 13.32 -38.44
CA PRO B 449 3.91 13.68 -37.38
C PRO B 449 3.60 12.51 -36.43
N TYR B 450 3.04 12.80 -35.26
CA TYR B 450 2.35 11.76 -34.50
C TYR B 450 1.27 11.17 -35.43
N ALA B 451 1.33 9.86 -35.69
CA ALA B 451 0.33 9.19 -36.53
C ALA B 451 -0.27 7.95 -35.86
N TYR B 452 -1.58 7.78 -36.03
CA TYR B 452 -2.33 6.65 -35.46
C TYR B 452 -3.54 6.45 -36.39
N MET B 453 -4.20 5.29 -36.36
CA MET B 453 -5.35 5.02 -37.25
C MET B 453 -6.59 5.78 -36.79
N GLU B 454 -7.01 6.78 -37.55
CA GLU B 454 -8.07 7.69 -37.10
C GLU B 454 -9.43 7.16 -37.50
N GLU B 455 -10.43 7.40 -36.65
CA GLU B 455 -11.70 6.71 -36.83
C GLU B 455 -12.33 7.02 -38.19
N THR B 456 -13.13 6.05 -38.62
CA THR B 456 -13.86 6.09 -39.86
C THR B 456 -15.31 5.72 -39.48
N PRO B 457 -16.29 6.07 -40.34
CA PRO B 457 -17.71 5.75 -40.13
C PRO B 457 -17.99 4.39 -39.46
N GLY B 458 -18.59 4.44 -38.28
CA GLY B 458 -18.97 3.23 -37.57
C GLY B 458 -17.88 2.56 -36.77
N SER B 459 -16.62 2.97 -36.97
CA SER B 459 -15.49 2.34 -36.26
C SER B 459 -15.40 2.75 -34.77
N LYS B 460 -14.58 2.03 -34.01
CA LYS B 460 -14.51 2.29 -32.59
C LYS B 460 -13.84 3.67 -32.41
N ILE B 461 -14.01 4.23 -31.23
CA ILE B 461 -13.42 5.48 -30.87
C ILE B 461 -11.94 5.30 -30.53
N LYS B 462 -11.06 6.16 -31.06
CA LYS B 462 -9.66 6.09 -30.70
C LYS B 462 -9.33 6.99 -29.52
N PRO B 463 -8.56 6.46 -28.56
CA PRO B 463 -8.24 7.21 -27.32
C PRO B 463 -7.53 8.52 -27.67
N GLN B 464 -6.68 8.51 -28.71
CA GLN B 464 -5.92 9.69 -29.10
C GLN B 464 -6.85 10.80 -29.53
N THR B 465 -7.89 10.41 -30.26
CA THR B 465 -8.93 11.32 -30.69
C THR B 465 -9.67 11.95 -29.50
N VAL B 466 -10.02 11.12 -28.53
CA VAL B 466 -10.67 11.62 -27.34
C VAL B 466 -9.82 12.67 -26.67
N ILE B 467 -8.53 12.36 -26.54
CA ILE B 467 -7.64 13.26 -25.80
C ILE B 467 -7.45 14.59 -26.54
N LYS B 468 -7.25 14.53 -27.86
CA LYS B 468 -7.15 15.75 -28.65
C LYS B 468 -8.43 16.58 -28.59
N LYS B 469 -9.61 15.95 -28.68
CA LYS B 469 -10.88 16.70 -28.60
C LYS B 469 -11.03 17.37 -27.22
N LEU B 470 -10.69 16.61 -26.20
CA LEU B 470 -10.83 17.05 -24.83
C LEU B 470 -9.88 18.25 -24.55
N SER B 471 -8.68 18.19 -25.10
CA SER B 471 -7.73 19.30 -25.01
C SER B 471 -8.33 20.59 -25.52
N LYS B 472 -8.99 20.47 -26.66
CA LYS B 472 -9.56 21.63 -27.26
C LYS B 472 -10.77 22.17 -26.45
N VAL B 473 -11.67 21.27 -26.06
CA VAL B 473 -12.79 21.63 -25.20
C VAL B 473 -12.33 22.32 -23.90
N ALA B 474 -11.31 21.76 -23.24
CA ALA B 474 -10.76 22.39 -22.02
C ALA B 474 -10.19 23.76 -22.33
N ASN B 475 -9.43 23.86 -23.42
CA ASN B 475 -8.83 25.11 -23.79
C ASN B 475 -9.90 26.17 -24.10
N ASP B 476 -11.01 25.74 -24.69
CA ASP B 476 -12.08 26.65 -25.05
C ASP B 476 -12.63 27.38 -23.82
N THR B 477 -12.52 26.77 -22.64
CA THR B 477 -13.04 27.46 -21.45
C THR B 477 -12.18 28.69 -21.02
N GLY B 478 -10.92 28.76 -21.45
CA GLY B 478 -10.03 29.89 -21.14
C GLY B 478 -9.47 29.72 -19.73
N ARG B 479 -9.74 28.58 -19.12
CA ARG B 479 -9.32 28.31 -17.73
C ARG B 479 -7.91 27.74 -17.64
N HIS B 480 -7.27 27.97 -16.50
CA HIS B 480 -6.12 27.17 -16.11
C HIS B 480 -6.50 25.70 -15.95
N VAL B 481 -5.77 24.82 -16.62
CA VAL B 481 -6.13 23.40 -16.67
C VAL B 481 -4.99 22.55 -16.17
N ILE B 482 -5.27 21.66 -15.24
CA ILE B 482 -4.30 20.74 -14.68
C ILE B 482 -4.75 19.33 -15.06
N VAL B 483 -3.82 18.51 -15.56
CA VAL B 483 -4.17 17.15 -15.96
C VAL B 483 -3.39 16.15 -15.12
N THR B 484 -4.06 15.20 -14.47
CA THR B 484 -3.35 14.10 -13.87
C THR B 484 -3.67 12.84 -14.73
N THR B 485 -3.00 11.71 -14.49
CA THR B 485 -3.29 10.46 -15.23
C THR B 485 -3.08 9.25 -14.33
N GLY B 486 -3.61 8.11 -14.78
CA GLY B 486 -3.14 6.81 -14.28
C GLY B 486 -1.87 6.34 -14.99
N VAL B 487 -1.64 5.03 -15.05
CA VAL B 487 -0.42 4.54 -15.65
C VAL B 487 -0.79 3.50 -16.70
N GLY B 488 -0.18 3.60 -17.87
CA GLY B 488 -0.44 2.68 -18.95
C GLY B 488 -0.46 3.40 -20.26
N GLN B 489 -1.06 2.77 -21.25
CA GLN B 489 -1.11 3.41 -22.60
C GLN B 489 -1.76 4.80 -22.56
N HIS B 490 -2.80 4.97 -21.77
CA HIS B 490 -3.52 6.25 -21.77
C HIS B 490 -2.63 7.40 -21.23
N GLN B 491 -1.70 7.04 -20.36
CA GLN B 491 -0.72 7.98 -19.78
C GLN B 491 0.16 8.58 -20.85
N MET B 492 0.69 7.73 -21.72
CA MET B 492 1.46 8.20 -22.85
C MET B 492 0.62 8.91 -23.90
N TRP B 493 -0.62 8.44 -24.12
CA TRP B 493 -1.46 9.18 -25.10
C TRP B 493 -1.77 10.60 -24.59
N ALA B 494 -1.99 10.73 -23.30
CA ALA B 494 -2.19 12.04 -22.70
C ALA B 494 -0.95 12.92 -22.90
N ALA B 495 0.23 12.40 -22.58
CA ALA B 495 1.47 13.15 -22.74
C ALA B 495 1.62 13.62 -24.18
N GLN B 496 1.36 12.71 -25.12
CA GLN B 496 1.58 12.99 -26.54
C GLN B 496 0.55 13.91 -27.15
N HIS B 497 -0.72 13.67 -26.84
CA HIS B 497 -1.74 14.25 -27.70
C HIS B 497 -2.43 15.44 -27.09
N TRP B 498 -2.19 15.69 -25.81
CA TRP B 498 -2.60 16.94 -25.22
C TRP B 498 -1.61 18.00 -25.69
N THR B 499 -2.06 19.25 -25.81
CA THR B 499 -1.16 20.34 -26.15
C THR B 499 -0.73 21.11 -24.91
N TRP B 500 0.53 20.98 -24.51
CA TRP B 500 1.01 21.48 -23.19
C TRP B 500 1.47 22.94 -23.30
N ARG B 501 0.95 23.81 -22.45
CA ARG B 501 1.29 25.25 -22.51
C ARG B 501 1.87 25.86 -21.21
N ASN B 502 1.38 25.44 -20.04
CA ASN B 502 1.70 26.13 -18.78
C ASN B 502 2.35 25.23 -17.72
N PRO B 503 3.24 25.81 -16.93
CA PRO B 503 4.00 25.01 -15.97
C PRO B 503 3.12 24.42 -14.88
N HIS B 504 3.52 23.25 -14.38
CA HIS B 504 2.85 22.63 -13.26
C HIS B 504 1.40 22.23 -13.62
N THR B 505 1.17 21.88 -14.90
CA THR B 505 -0.17 21.40 -15.33
C THR B 505 -0.21 19.91 -15.79
N PHE B 506 0.92 19.22 -15.84
CA PHE B 506 0.89 17.76 -16.12
C PHE B 506 1.39 17.05 -14.89
N ILE B 507 0.53 16.30 -14.24
CA ILE B 507 0.89 15.68 -12.98
C ILE B 507 0.73 14.17 -13.10
N THR B 508 1.82 13.48 -13.37
CA THR B 508 1.74 12.07 -13.72
C THR B 508 2.83 11.27 -13.03
N SER B 509 2.57 10.01 -12.72
CA SER B 509 3.59 9.20 -11.98
C SER B 509 4.57 8.64 -13.00
N GLY B 510 5.76 9.22 -13.05
CA GLY B 510 6.68 8.88 -14.10
C GLY B 510 7.75 7.95 -13.62
N GLY B 511 8.35 8.23 -12.45
CA GLY B 511 9.50 7.48 -12.04
C GLY B 511 9.16 6.12 -11.45
N LEU B 512 8.05 6.01 -10.74
CA LEU B 512 7.65 4.73 -10.18
C LEU B 512 6.52 4.09 -11.01
N GLY B 513 5.68 4.90 -11.63
CA GLY B 513 4.56 4.40 -12.44
C GLY B 513 3.47 3.75 -11.59
N THR B 514 2.95 4.47 -10.63
CA THR B 514 1.95 3.95 -9.69
C THR B 514 0.52 4.01 -10.27
N MET B 515 -0.04 2.87 -10.69
CA MET B 515 -1.46 2.84 -11.08
C MET B 515 -2.31 3.32 -9.90
N GLY B 516 -3.35 4.09 -10.15
CA GLY B 516 -4.20 4.53 -9.07
C GLY B 516 -3.84 5.96 -8.66
N TYR B 517 -2.74 6.49 -9.19
CA TYR B 517 -2.35 7.90 -8.94
C TYR B 517 -3.35 8.95 -9.34
N GLY B 518 -4.06 8.71 -10.45
CA GLY B 518 -4.82 9.78 -11.14
C GLY B 518 -5.85 10.50 -10.31
N LEU B 519 -6.71 9.73 -9.67
CA LEU B 519 -7.84 10.32 -8.96
C LEU B 519 -7.37 11.04 -7.68
N PRO B 520 -6.60 10.37 -6.80
CA PRO B 520 -6.24 11.15 -5.57
C PRO B 520 -5.27 12.32 -5.93
N ALA B 521 -4.39 12.16 -6.92
CA ALA B 521 -3.54 13.28 -7.31
C ALA B 521 -4.42 14.47 -7.79
N ALA B 522 -5.48 14.16 -8.56
CA ALA B 522 -6.37 15.23 -9.04
C ALA B 522 -7.05 15.94 -7.87
N ILE B 523 -7.51 15.17 -6.92
CA ILE B 523 -8.16 15.75 -5.74
C ILE B 523 -7.19 16.70 -5.02
N GLY B 524 -5.96 16.25 -4.83
CA GLY B 524 -5.00 17.10 -4.14
C GLY B 524 -4.59 18.32 -4.94
N ALA B 525 -4.49 18.16 -6.26
CA ALA B 525 -4.17 19.30 -7.14
C ALA B 525 -5.31 20.32 -7.10
N GLN B 526 -6.53 19.80 -7.06
CA GLN B 526 -7.71 20.68 -7.03
C GLN B 526 -7.73 21.51 -5.75
N VAL B 527 -7.35 20.91 -4.63
CA VAL B 527 -7.26 21.66 -3.39
C VAL B 527 -6.16 22.76 -3.45
N ALA B 528 -5.04 22.43 -4.09
CA ALA B 528 -3.96 23.40 -4.26
C ALA B 528 -4.37 24.54 -5.14
N LYS B 529 -5.14 24.25 -6.18
CA LYS B 529 -5.53 25.26 -7.20
C LYS B 529 -7.07 25.25 -7.38
N PRO B 530 -7.81 25.77 -6.40
CA PRO B 530 -9.29 25.67 -6.40
C PRO B 530 -9.92 26.28 -7.65
N GLU B 531 -9.29 27.30 -8.26
CA GLU B 531 -9.84 27.88 -9.51
C GLU B 531 -9.52 27.07 -10.79
N SER B 532 -8.64 26.09 -10.71
CA SER B 532 -8.28 25.33 -11.90
C SER B 532 -9.33 24.31 -12.28
N LEU B 533 -9.45 24.10 -13.57
CA LEU B 533 -10.09 22.92 -14.08
C LEU B 533 -9.13 21.73 -13.97
N VAL B 534 -9.52 20.69 -13.24
CA VAL B 534 -8.59 19.58 -13.01
C VAL B 534 -9.19 18.31 -13.64
N ILE B 535 -8.46 17.70 -14.58
CA ILE B 535 -8.93 16.54 -15.34
C ILE B 535 -7.98 15.36 -15.02
N ASP B 536 -8.57 14.24 -14.63
CA ASP B 536 -7.84 13.01 -14.51
C ASP B 536 -8.08 12.21 -15.78
N ILE B 537 -7.06 12.09 -16.64
CA ILE B 537 -7.17 11.16 -17.80
C ILE B 537 -6.71 9.79 -17.33
N ASP B 538 -7.66 8.88 -17.10
CA ASP B 538 -7.35 7.62 -16.40
C ASP B 538 -7.65 6.42 -17.24
N GLY B 539 -6.99 5.32 -16.87
CA GLY B 539 -7.28 4.01 -17.42
C GLY B 539 -8.27 3.24 -16.54
N ASP B 540 -8.94 2.27 -17.13
CA ASP B 540 -9.89 1.52 -16.34
C ASP B 540 -9.15 0.65 -15.27
N ALA B 541 -8.05 -0.01 -15.60
CA ALA B 541 -7.40 -0.84 -14.55
C ALA B 541 -6.79 0.10 -13.51
N SER B 542 -6.16 1.19 -13.92
CA SER B 542 -5.61 2.14 -12.96
C SER B 542 -6.66 2.68 -12.03
N PHE B 543 -7.76 3.09 -12.63
CA PHE B 543 -8.80 3.76 -11.85
C PHE B 543 -9.34 2.82 -10.77
N ASN B 544 -9.49 1.54 -11.12
CA ASN B 544 -9.97 0.60 -10.10
C ASN B 544 -9.04 0.53 -8.87
N MET B 545 -7.76 0.83 -9.01
CA MET B 545 -6.88 0.69 -7.82
C MET B 545 -7.36 1.61 -6.69
N THR B 546 -7.80 2.81 -6.99
CA THR B 546 -8.04 3.75 -5.88
C THR B 546 -9.41 4.36 -5.95
N LEU B 547 -10.35 3.73 -6.68
CA LEU B 547 -11.63 4.41 -6.95
C LEU B 547 -12.46 4.71 -5.69
N THR B 548 -12.09 4.15 -4.55
CA THR B 548 -12.82 4.47 -3.34
C THR B 548 -12.71 5.95 -3.01
N GLU B 549 -11.69 6.66 -3.53
CA GLU B 549 -11.55 8.07 -3.22
C GLU B 549 -12.54 8.96 -3.98
N LEU B 550 -13.42 8.38 -4.82
CA LEU B 550 -14.49 9.19 -5.39
C LEU B 550 -15.33 9.84 -4.28
N SER B 551 -15.66 9.10 -3.22
CA SER B 551 -16.48 9.72 -2.18
C SER B 551 -15.67 10.86 -1.49
N SER B 552 -14.36 10.69 -1.39
CA SER B 552 -13.47 11.72 -0.81
C SER B 552 -13.56 13.00 -1.59
N ALA B 553 -13.61 12.85 -2.91
CA ALA B 553 -13.77 14.02 -3.81
C ALA B 553 -15.06 14.76 -3.50
N VAL B 554 -16.15 14.01 -3.37
CA VAL B 554 -17.47 14.61 -3.07
C VAL B 554 -17.43 15.23 -1.71
N GLN B 555 -16.80 14.54 -0.75
CA GLN B 555 -16.77 15.10 0.61
C GLN B 555 -15.95 16.40 0.65
N ALA B 556 -14.82 16.41 -0.05
CA ALA B 556 -13.97 17.61 -0.10
C ALA B 556 -14.58 18.72 -0.97
N GLY B 557 -15.56 18.36 -1.80
CA GLY B 557 -16.14 19.30 -2.75
C GLY B 557 -15.31 19.59 -4.00
N THR B 558 -14.17 18.94 -4.18
CA THR B 558 -13.31 19.19 -5.34
C THR B 558 -13.95 18.80 -6.65
N PRO B 559 -14.19 19.76 -7.59
CA PRO B 559 -14.97 19.39 -8.79
C PRO B 559 -14.10 18.78 -9.88
N VAL B 560 -13.36 17.74 -9.50
CA VAL B 560 -12.49 17.04 -10.45
C VAL B 560 -13.29 16.39 -11.59
N LYS B 561 -12.65 16.30 -12.77
CA LYS B 561 -13.25 15.76 -13.96
C LYS B 561 -12.54 14.44 -14.26
N ILE B 562 -13.21 13.32 -14.06
CA ILE B 562 -12.54 12.02 -14.15
C ILE B 562 -12.93 11.39 -15.48
N LEU B 563 -11.95 11.21 -16.36
CA LEU B 563 -12.16 10.58 -17.65
C LEU B 563 -11.58 9.14 -17.55
N ILE B 564 -12.39 8.13 -17.88
CA ILE B 564 -11.97 6.73 -17.90
C ILE B 564 -11.90 6.30 -19.36
N LEU B 565 -10.71 6.04 -19.89
CA LEU B 565 -10.62 5.53 -21.23
C LEU B 565 -10.74 4.02 -21.08
N ASN B 566 -11.94 3.47 -21.28
CA ASN B 566 -12.17 2.05 -21.03
C ASN B 566 -11.92 1.18 -22.26
N ASN B 567 -10.81 0.42 -22.21
CA ASN B 567 -10.42 -0.44 -23.33
C ASN B 567 -10.37 -1.89 -22.81
N GLU B 568 -11.29 -2.21 -21.92
CA GLU B 568 -11.27 -3.43 -21.10
C GLU B 568 -11.30 -4.71 -21.93
N GLU B 569 -11.70 -4.61 -23.19
CA GLU B 569 -11.75 -5.85 -23.96
C GLU B 569 -10.35 -6.34 -24.44
N GLN B 570 -9.34 -5.47 -24.46
CA GLN B 570 -7.95 -5.92 -24.62
C GLN B 570 -7.44 -6.48 -23.29
N GLY B 571 -6.61 -7.51 -23.34
CA GLY B 571 -6.00 -7.95 -22.08
C GLY B 571 -5.03 -6.91 -21.49
N MET B 572 -4.69 -7.04 -20.20
CA MET B 572 -3.62 -6.22 -19.62
C MET B 572 -2.22 -6.75 -19.99
N VAL B 573 -2.15 -7.98 -20.46
CA VAL B 573 -0.84 -8.57 -20.73
C VAL B 573 -0.69 -8.96 -22.18
N THR B 574 0.26 -8.33 -22.88
CA THR B 574 0.60 -8.78 -24.26
C THR B 574 1.30 -10.12 -24.23
N GLN B 575 0.74 -11.08 -24.96
CA GLN B 575 1.35 -12.39 -25.04
C GLN B 575 2.26 -12.48 -26.26
N TRP B 576 1.88 -11.81 -27.34
CA TRP B 576 2.73 -11.63 -28.52
C TRP B 576 2.03 -10.65 -29.45
N GLN B 577 2.71 -10.31 -30.54
CA GLN B 577 2.21 -9.26 -31.41
C GLN B 577 2.90 -9.39 -32.76
N SER B 578 2.25 -8.87 -33.81
CA SER B 578 2.85 -8.93 -35.15
C SER B 578 4.07 -8.03 -35.21
N LEU B 579 5.02 -8.39 -36.06
CA LEU B 579 6.31 -7.71 -36.21
C LEU B 579 6.15 -6.22 -36.49
N PHE B 580 5.37 -5.91 -37.51
CA PHE B 580 5.09 -4.54 -37.91
C PHE B 580 4.00 -3.93 -37.01
N TYR B 581 4.04 -4.29 -35.72
CA TYR B 581 3.20 -3.78 -34.60
C TYR B 581 1.70 -3.60 -34.83
N GLU B 582 1.22 -3.98 -36.01
CA GLU B 582 -0.18 -3.83 -36.41
C GLU B 582 -1.16 -4.53 -35.44
N HIS B 583 -0.84 -5.76 -35.01
CA HIS B 583 -1.78 -6.50 -34.15
C HIS B 583 -1.14 -7.04 -32.85
N ARG B 584 -1.85 -6.80 -31.75
CA ARG B 584 -1.45 -7.23 -30.41
C ARG B 584 -2.42 -8.29 -29.84
N TYR B 585 -1.86 -9.43 -29.44
CA TYR B 585 -2.65 -10.46 -28.80
C TYR B 585 -2.41 -10.48 -27.28
N SER B 586 -3.47 -10.34 -26.51
CA SER B 586 -3.32 -10.10 -25.10
C SER B 586 -4.23 -11.01 -24.22
N HIS B 587 -3.90 -11.16 -22.93
CA HIS B 587 -4.78 -11.88 -22.02
C HIS B 587 -4.85 -11.14 -20.72
N THR B 588 -5.55 -11.74 -19.75
CA THR B 588 -5.78 -11.13 -18.42
C THR B 588 -6.71 -9.94 -18.46
N HIS B 589 -7.99 -10.23 -18.37
CA HIS B 589 -9.01 -9.18 -18.39
C HIS B 589 -9.58 -8.96 -17.00
N GLN B 590 -9.81 -7.74 -16.62
CA GLN B 590 -10.38 -7.52 -15.32
C GLN B 590 -11.86 -7.18 -15.52
N LEU B 591 -12.67 -7.57 -14.54
CA LEU B 591 -14.08 -7.28 -14.62
C LEU B 591 -14.24 -5.89 -14.03
N ASN B 592 -14.73 -4.94 -14.84
CA ASN B 592 -14.96 -3.58 -14.33
C ASN B 592 -16.31 -3.46 -13.69
N PRO B 593 -16.43 -2.56 -12.71
CA PRO B 593 -17.77 -2.15 -12.29
C PRO B 593 -18.50 -1.31 -13.39
N ASP B 594 -19.82 -1.12 -13.30
CA ASP B 594 -20.52 -0.10 -14.11
C ASP B 594 -20.06 1.27 -13.59
N PHE B 595 -19.15 1.94 -14.32
CA PHE B 595 -18.59 3.19 -13.82
C PHE B 595 -19.58 4.34 -13.61
N ILE B 596 -20.68 4.36 -14.35
CA ILE B 596 -21.67 5.40 -14.22
C ILE B 596 -22.54 5.14 -12.97
N LYS B 597 -23.04 3.92 -12.79
CA LYS B 597 -23.72 3.56 -11.53
C LYS B 597 -22.77 3.76 -10.35
N LEU B 598 -21.48 3.55 -10.56
CA LEU B 598 -20.55 3.70 -9.45
C LEU B 598 -20.43 5.20 -9.10
N ALA B 599 -20.28 6.03 -10.10
CA ALA B 599 -20.14 7.47 -9.87
C ALA B 599 -21.38 7.94 -9.11
N GLU B 600 -22.56 7.50 -9.54
CA GLU B 600 -23.79 7.91 -8.84
C GLU B 600 -23.86 7.37 -7.40
N ALA B 601 -23.43 6.13 -7.16
CA ALA B 601 -23.39 5.62 -5.81
C ALA B 601 -22.49 6.46 -4.91
N MET B 602 -21.39 6.98 -5.47
CA MET B 602 -20.40 7.73 -4.74
C MET B 602 -20.82 9.22 -4.60
N GLY B 603 -21.94 9.61 -5.24
CA GLY B 603 -22.51 10.96 -5.11
C GLY B 603 -22.05 11.96 -6.17
N LEU B 604 -21.55 11.48 -7.32
CA LEU B 604 -21.26 12.41 -8.39
C LEU B 604 -21.93 12.08 -9.71
N LYS B 605 -21.85 13.01 -10.66
CA LYS B 605 -22.55 12.84 -11.95
C LYS B 605 -21.72 11.81 -12.76
N GLY B 606 -22.36 10.91 -13.50
CA GLY B 606 -21.62 10.01 -14.36
C GLY B 606 -22.13 10.13 -15.79
N LEU B 607 -21.23 10.06 -16.77
CA LEU B 607 -21.57 10.22 -18.20
C LEU B 607 -20.87 9.08 -18.94
N ARG B 608 -21.48 8.57 -19.99
CA ARG B 608 -20.86 7.51 -20.78
C ARG B 608 -20.93 7.80 -22.29
N VAL B 609 -19.80 7.58 -22.98
CA VAL B 609 -19.81 7.59 -24.48
C VAL B 609 -19.58 6.20 -25.01
N LYS B 610 -20.49 5.70 -25.85
CA LYS B 610 -20.38 4.42 -26.48
C LYS B 610 -20.06 4.56 -27.96
N LYS B 611 -20.45 5.68 -28.59
CA LYS B 611 -20.39 5.82 -30.03
C LYS B 611 -19.79 7.16 -30.38
N GLN B 612 -19.15 7.23 -31.55
CA GLN B 612 -18.54 8.44 -32.05
C GLN B 612 -19.47 9.65 -32.05
N GLU B 613 -20.70 9.42 -32.48
CA GLU B 613 -21.67 10.52 -32.65
C GLU B 613 -21.94 11.22 -31.32
N GLU B 614 -21.64 10.59 -30.18
CA GLU B 614 -21.96 11.22 -28.92
C GLU B 614 -20.78 11.95 -28.34
N LEU B 615 -19.60 11.76 -28.93
CA LEU B 615 -18.39 12.11 -28.16
C LEU B 615 -18.31 13.64 -27.88
N ASP B 616 -18.56 14.44 -28.90
CA ASP B 616 -18.36 15.88 -28.79
C ASP B 616 -19.27 16.46 -27.71
N ALA B 617 -20.54 16.09 -27.74
CA ALA B 617 -21.52 16.62 -26.80
C ALA B 617 -21.21 16.19 -25.39
N LYS B 618 -20.76 14.94 -25.19
CA LYS B 618 -20.44 14.50 -23.86
C LYS B 618 -19.19 15.11 -23.31
N LEU B 619 -18.19 15.36 -24.16
CA LEU B 619 -16.93 15.94 -23.66
C LEU B 619 -17.25 17.38 -23.22
N LYS B 620 -18.13 18.03 -23.97
CA LYS B 620 -18.51 19.40 -23.64
C LYS B 620 -19.28 19.40 -22.31
N GLU B 621 -20.23 18.50 -22.15
CA GLU B 621 -20.96 18.45 -20.87
C GLU B 621 -20.09 18.11 -19.70
N PHE B 622 -19.16 17.18 -19.94
CA PHE B 622 -18.19 16.73 -18.91
C PHE B 622 -17.42 17.92 -18.35
N VAL B 623 -16.87 18.68 -19.26
CA VAL B 623 -16.06 19.83 -18.88
C VAL B 623 -16.94 20.94 -18.30
N SER B 624 -18.16 21.14 -18.82
CA SER B 624 -19.05 22.26 -18.39
C SER B 624 -19.73 22.03 -17.03
N THR B 625 -19.94 20.77 -16.70
CA THR B 625 -20.62 20.32 -15.52
C THR B 625 -20.00 20.98 -14.26
N LYS B 626 -20.85 21.54 -13.40
CA LYS B 626 -20.39 22.05 -12.11
C LYS B 626 -20.24 20.85 -11.20
N GLY B 627 -19.20 20.81 -10.41
CA GLY B 627 -19.07 19.72 -9.45
C GLY B 627 -18.28 18.56 -10.04
N PRO B 628 -18.00 17.55 -9.24
CA PRO B 628 -17.19 16.43 -9.74
C PRO B 628 -17.98 15.57 -10.73
N VAL B 629 -17.32 15.01 -11.73
CA VAL B 629 -18.06 14.26 -12.72
C VAL B 629 -17.12 13.19 -13.30
N LEU B 630 -17.70 12.06 -13.67
CA LEU B 630 -16.95 10.96 -14.23
C LEU B 630 -17.50 10.72 -15.62
N LEU B 631 -16.61 10.71 -16.59
CA LEU B 631 -17.01 10.37 -17.96
C LEU B 631 -16.26 9.11 -18.37
N GLU B 632 -16.99 8.10 -18.76
CA GLU B 632 -16.38 6.92 -19.32
C GLU B 632 -16.53 6.95 -20.84
N VAL B 633 -15.43 6.78 -21.55
CA VAL B 633 -15.51 6.63 -23.02
C VAL B 633 -15.08 5.18 -23.37
N GLU B 634 -15.94 4.42 -24.06
CA GLU B 634 -15.54 3.09 -24.52
C GLU B 634 -14.59 3.26 -25.71
N VAL B 635 -13.34 2.81 -25.61
CA VAL B 635 -12.44 3.00 -26.76
C VAL B 635 -12.01 1.64 -27.32
N ASP B 636 -11.46 1.65 -28.55
CA ASP B 636 -11.14 0.48 -29.38
C ASP B 636 -10.63 -0.79 -28.66
K K C . -19.28 -16.20 21.90
MG MG D . -18.32 2.50 11.86
PA FAD E . -0.53 -14.79 18.82
O1A FAD E . -0.33 -15.30 17.39
O2A FAD E . -0.07 -13.43 19.20
O5B FAD E . 0.44 -15.69 19.71
C5B FAD E . 0.35 -17.10 19.51
C4B FAD E . 1.52 -17.67 20.36
O4B FAD E . 1.59 -19.04 19.91
C3B FAD E . 2.86 -17.05 20.01
O3B FAD E . 3.77 -16.95 21.13
C2B FAD E . 3.39 -17.98 18.98
O2B FAD E . 4.84 -18.03 18.94
C1B FAD E . 2.91 -19.29 19.44
N9A FAD E . 2.81 -20.29 18.44
C8A FAD E . 2.56 -20.13 17.13
N7A FAD E . 2.51 -21.35 16.52
C5A FAD E . 2.77 -22.31 17.47
C6A FAD E . 2.87 -23.74 17.46
N6A FAD E . 2.75 -24.44 16.27
N1A FAD E . 3.10 -24.41 18.62
C2A FAD E . 3.26 -23.72 19.73
N3A FAD E . 3.19 -22.38 19.79
C4A FAD E . 2.91 -21.64 18.68
N1 FAD E . -7.51 -10.68 22.84
C2 FAD E . -8.15 -11.63 23.67
O2 FAD E . -7.84 -12.80 23.49
N3 FAD E . -9.08 -11.21 24.60
C4 FAD E . -9.36 -9.84 24.72
O4 FAD E . -10.20 -9.46 25.53
C4X FAD E . -8.68 -8.83 23.81
N5 FAD E . -8.94 -7.46 23.86
C5X FAD E . -8.23 -6.62 23.05
C6 FAD E . -8.44 -5.24 23.17
C7 FAD E . -7.71 -4.33 22.38
C7M FAD E . -7.94 -2.81 22.51
C8 FAD E . -6.77 -4.82 21.45
C8M FAD E . -5.98 -3.83 20.58
C9 FAD E . -6.56 -6.20 21.33
C9A FAD E . -7.29 -7.12 22.13
N10 FAD E . -7.09 -8.49 22.02
C10 FAD E . -7.78 -9.31 22.89
C1' FAD E . -6.27 -9.12 21.06
C2' FAD E . -4.91 -9.34 21.74
O2' FAD E . -4.31 -8.06 21.91
C3' FAD E . -3.95 -10.31 20.96
O3' FAD E . -3.84 -9.92 19.63
C4' FAD E . -4.49 -11.74 20.99
O4' FAD E . -5.00 -12.13 22.28
C5' FAD E . -3.32 -12.60 20.62
O5' FAD E . -3.82 -13.90 20.49
P FAD E . -2.79 -15.13 20.61
O1P FAD E . -1.87 -15.04 21.78
O2P FAD E . -3.73 -16.34 20.46
O3P FAD E . -2.00 -15.16 19.20
N1' TPP F . -6.10 3.26 9.56
C2' TPP F . -5.93 1.94 9.29
CM2 TPP F . -5.50 1.39 7.94
N3' TPP F . -6.20 1.05 10.26
C4' TPP F . -6.57 1.46 11.51
N4' TPP F . -6.69 0.43 12.48
C5' TPP F . -6.79 2.81 11.82
C6' TPP F . -6.54 3.72 10.81
C7' TPP F . -7.24 3.32 13.21
N3 TPP F . -8.66 2.97 13.45
C2 TPP F . -8.92 1.87 14.19
S1 TPP F . -10.68 1.60 14.33
C5 TPP F . -11.01 2.97 13.31
C4 TPP F . -9.78 3.61 12.96
CM4 TPP F . -9.80 4.85 12.12
C6 TPP F . -12.45 3.30 12.99
C7 TPP F . -13.15 2.00 12.52
O7 TPP F . -14.37 2.37 11.86
PA TPP F . -15.38 1.23 11.43
O1A TPP F . -16.62 1.91 10.84
O2A TPP F . -14.72 0.39 10.34
O3A TPP F . -15.70 0.25 12.64
PB TPP F . -16.59 0.69 13.92
O1B TPP F . -17.55 1.80 13.64
O2B TPP F . -17.33 -0.54 14.22
O3B TPP F . -15.68 1.09 15.06
C PYR G . 5.05 -2.56 -16.40
O PYR G . 5.35 -2.48 -17.61
OXT PYR G . 4.47 -3.47 -15.91
CA PYR G . 5.45 -1.56 -15.51
O3 PYR G . 6.59 -1.62 -15.18
CB PYR G . 4.48 -0.52 -15.03
C PYR H . 10.49 -4.17 -16.19
O PYR H . 9.96 -4.99 -16.96
OXT PYR H . 11.70 -4.19 -15.88
CA PYR H . 9.68 -3.11 -15.66
O3 PYR H . 8.61 -2.84 -16.17
CB PYR H . 10.20 -2.39 -14.47
O1 OXY I . -15.05 6.45 6.20
O2 OXY I . -13.79 6.40 6.30
O1 OXY J . 6.88 -3.92 -13.50
O2 OXY J . 5.72 -3.42 -13.61
K K K . 1.60 17.42 -27.50
PA FAD L . 13.31 13.68 -12.95
O1A FAD L . 12.55 14.25 -11.85
O2A FAD L . 13.29 12.24 -12.86
O5B FAD L . 14.80 14.13 -12.88
C5B FAD L . 15.09 15.52 -12.86
C4B FAD L . 16.57 15.83 -12.76
O4B FAD L . 16.68 17.21 -12.54
C3B FAD L . 17.20 15.19 -11.58
O3B FAD L . 18.50 14.77 -11.87
C2B FAD L . 17.19 16.25 -10.57
O2B FAD L . 18.15 16.07 -9.53
C1B FAD L . 17.40 17.44 -11.35
N9A FAD L . 16.86 18.54 -10.68
C8A FAD L . 15.82 18.54 -9.90
N7A FAD L . 15.59 19.74 -9.44
C5A FAD L . 16.52 20.58 -9.94
C6A FAD L . 16.81 21.96 -9.82
N6A FAD L . 16.06 22.78 -9.04
N1A FAD L . 17.84 22.44 -10.49
C2A FAD L . 18.57 21.67 -11.21
N3A FAD L . 18.36 20.37 -11.37
C4A FAD L . 17.34 19.79 -10.74
N1 FAD L . 9.95 9.83 -20.08
C2 FAD L . 10.22 10.51 -21.28
O2 FAD L . 10.73 11.58 -21.26
N3 FAD L . 9.92 9.93 -22.47
C4 FAD L . 9.36 8.71 -22.48
O4 FAD L . 9.08 8.18 -23.49
C4X FAD L . 9.03 7.99 -21.24
N5 FAD L . 8.46 6.75 -21.30
C5X FAD L . 7.81 6.33 -20.20
C6 FAD L . 6.86 5.32 -20.31
C7 FAD L . 6.18 4.87 -19.19
C7M FAD L . 5.14 3.75 -19.32
C8 FAD L . 6.44 5.42 -17.95
C8M FAD L . 5.65 4.89 -16.75
C9 FAD L . 7.38 6.45 -17.84
C9A FAD L . 8.09 6.91 -18.98
N10 FAD L . 9.03 7.91 -18.92
C10 FAD L . 9.34 8.57 -20.07
C1' FAD L . 9.21 8.64 -17.75
C2' FAD L . 10.61 8.31 -17.21
O2' FAD L . 10.44 7.10 -16.51
C3' FAD L . 11.07 9.46 -16.25
O3' FAD L . 10.16 9.60 -15.27
C4' FAD L . 11.31 10.77 -16.92
O4' FAD L . 11.97 10.62 -18.15
C5' FAD L . 12.10 11.68 -16.05
O5' FAD L . 12.11 12.98 -16.51
P FAD L . 13.01 14.03 -15.75
O1P FAD L . 14.42 13.72 -15.94
O2P FAD L . 12.67 15.32 -16.30
O3P FAD L . 12.64 14.12 -14.25
MG MG M . -7.15 0.04 -19.78
N1' TPP N . 0.59 -2.54 -10.46
C2' TPP N . 0.79 -1.22 -10.08
CM2 TPP N . 0.38 -0.65 -8.75
N3' TPP N . 1.38 -0.41 -10.93
C4' TPP N . 1.79 -0.88 -12.14
N4' TPP N . 2.45 0.04 -12.91
C5' TPP N . 1.59 -2.19 -12.57
C6' TPP N . 1.00 -3.03 -11.66
C7' TPP N . 2.01 -2.73 -13.97
N3 TPP N . 1.13 -2.15 -15.03
C2 TPP N . 1.55 -1.07 -15.71
S1 TPP N . 0.40 -0.54 -16.94
C5 TPP N . -0.73 -1.77 -16.43
C4 TPP N . -0.13 -2.54 -15.39
CM4 TPP N . -0.87 -3.72 -14.83
C6 TPP N . -2.11 -1.90 -17.07
C7 TPP N . -2.72 -0.46 -17.10
O7 TPP N . -4.10 -0.61 -17.41
PA TPP N . -4.93 0.74 -17.61
O1A TPP N . -6.31 0.29 -17.89
O2A TPP N . -4.96 1.56 -16.35
O3A TPP N . -4.20 1.58 -18.73
PB TPP N . -4.26 1.25 -20.33
O1B TPP N . -4.42 2.61 -20.91
O2B TPP N . -5.42 0.36 -20.63
O3B TPP N . -2.88 0.77 -20.70
C PYR O . -7.33 2.60 17.73
O PYR O . -8.44 2.40 17.25
OXT PYR O . -7.21 3.03 18.86
CA PYR O . -6.18 2.41 16.94
O3 PYR O . -6.08 3.03 15.95
CB PYR O . -5.11 1.51 17.41
C PYR P . -2.79 2.93 19.91
O PYR P . -3.60 2.14 19.36
OXT PYR P . -3.14 3.95 20.52
CA PYR P . -1.38 2.64 19.71
O3 PYR P . -1.05 2.28 18.62
CB PYR P . -0.40 2.78 20.84
O1 OXY Q . -8.70 -5.64 -19.30
O2 OXY Q . -9.89 -5.83 -18.93
O1 OXY R . -15.14 -5.48 -17.66
O2 OXY R . -16.35 -5.40 -17.29
O1 OXY S . -12.97 6.58 11.29
O2 OXY S . -12.68 7.08 10.17
O1 OXY T . -3.83 3.57 15.22
O2 OXY T . -2.86 3.87 15.95
O1 OXY U . -9.41 5.99 15.37
O2 OXY U . -9.08 4.93 16.03
O1 OXY V . 1.77 -4.41 -17.47
O2 OXY V . 1.11 -5.53 -17.58
P PO4 W . -8.00 -14.31 -19.59
O1 PO4 W . -7.76 -14.18 -21.08
O2 PO4 W . -8.76 -13.12 -19.02
O3 PO4 W . -8.83 -15.52 -19.28
O4 PO4 W . -6.66 -14.38 -18.97
#